data_8CJ9
#
_entry.id   8CJ9
#
_cell.length_a   45.780
_cell.length_b   50.690
_cell.length_c   110.440
_cell.angle_alpha   92.43
_cell.angle_beta   90.09
_cell.angle_gamma   108.77
#
_symmetry.space_group_name_H-M   'P 1'
#
loop_
_entity.id
_entity.type
_entity.pdbx_description
1 polymer 'cytokinin dehydrogenase'
2 non-polymer 'FLAVIN-ADENINE DINUCLEOTIDE'
3 non-polymer 2-[[3,5-bis(chloranyl)phenyl]carbamoylamino]benzamide
4 non-polymer GLYCEROL
5 non-polymer 1,2-ETHANEDIOL
6 water water
#
_entity_poly.entity_id   1
_entity_poly.type   'polypeptide(L)'
_entity_poly.pdbx_seq_one_letter_code
;MARRTRFVAVAALLASFLSVAAGHPRPLPAAGLPGDLFGLGIASRIRTDSNSTAKAATDFGQMVRAAPEAVFHPATPADI
AALVRFSATSAAPFPVAPRGQGHSWRGQALAPGGVVVDMGSLGRGPRINVSAATGAEPFVDAGGEQLWVDVLRATLRHGL
APRVWTDYLRLTVGGTLSNAGIGGQAFRHGPQIANVHELDVVTGTGEMVTCSMDVNSDLFMAALGGLGQFGVITRARIRL
EPAPKRVRWVRLAYTDVATFTKDQEFLISNRTSQVGFDYVEGQVQLNRSLVEGPKSTPFFSGADLARLAGLASRTGPTAI
YYIEGAMYYTEDTAISVDKKMKALLDQLSFEPGFPFTKDVTFVQFLDRVREEERVLRSAGAWEVPHPWLNLFVPRSRILD
FDDGVFKALLKDANPAGIILMYPMNKDRWDDRMTAMTPATDDDDNVFYAVSFLWSALSADDVPQLERWNKAVLDFCDRSG
IECKQYLPHYTSQDGWRRHFGAKWSRIAELKARYDPRALLSPGQRIFPVPVESSGIASA
;
_entity_poly.pdbx_strand_id   A,B
#
# COMPACT_ATOMS: atom_id res chain seq x y z
N GLY A 32 50.46 -0.29 36.42
CA GLY A 32 50.63 -0.38 34.99
C GLY A 32 51.22 0.87 34.35
N LEU A 33 50.59 2.05 34.59
CA LEU A 33 50.96 3.37 34.07
C LEU A 33 52.41 3.78 34.42
N PRO A 34 53.10 4.58 33.56
CA PRO A 34 54.48 5.00 33.89
C PRO A 34 54.56 5.79 35.21
N GLY A 35 55.56 5.46 36.03
CA GLY A 35 55.83 6.11 37.32
C GLY A 35 55.99 7.61 37.22
N ASP A 36 56.58 8.07 36.09
CA ASP A 36 56.84 9.48 35.74
C ASP A 36 55.57 10.34 35.65
N LEU A 37 54.43 9.72 35.32
CA LEU A 37 53.13 10.40 35.21
C LEU A 37 52.72 11.04 36.54
N PHE A 38 52.91 10.31 37.65
CA PHE A 38 52.48 10.69 38.99
C PHE A 38 53.24 11.87 39.60
N GLY A 39 54.40 12.19 39.03
CA GLY A 39 55.17 13.35 39.48
C GLY A 39 54.80 14.64 38.75
N LEU A 40 53.94 14.55 37.72
CA LEU A 40 53.54 15.69 36.88
C LEU A 40 52.20 16.33 37.24
N GLY A 41 51.98 17.55 36.73
CA GLY A 41 50.79 18.38 36.93
C GLY A 41 49.47 17.72 36.61
N ILE A 42 49.46 16.97 35.49
CA ILE A 42 48.30 16.20 35.01
C ILE A 42 47.82 15.15 36.01
N ALA A 43 48.74 14.57 36.82
CA ALA A 43 48.43 13.55 37.83
C ALA A 43 47.47 14.04 38.94
N SER A 44 47.35 15.36 39.16
CA SER A 44 46.43 15.97 40.14
C SER A 44 44.97 15.74 39.75
N ARG A 45 44.71 15.44 38.46
CA ARG A 45 43.39 15.17 37.89
C ARG A 45 43.15 13.68 37.58
N ILE A 46 44.07 12.82 38.04
CA ILE A 46 44.05 11.35 37.92
C ILE A 46 43.45 10.74 39.19
N ARG A 47 42.53 9.77 39.02
CA ARG A 47 41.93 8.97 40.09
C ARG A 47 42.23 7.49 39.75
N THR A 48 42.95 6.78 40.65
CA THR A 48 43.33 5.37 40.46
C THR A 48 42.60 4.43 41.43
N ASP A 49 41.70 4.97 42.27
CA ASP A 49 40.98 4.17 43.25
C ASP A 49 39.92 3.28 42.56
N SER A 50 39.59 2.14 43.19
CA SER A 50 38.65 1.13 42.69
C SER A 50 37.26 1.65 42.39
N ASN A 51 36.73 2.59 43.19
CA ASN A 51 35.38 3.15 42.99
C ASN A 51 35.34 3.94 41.68
N SER A 52 36.39 4.76 41.42
CA SER A 52 36.56 5.55 40.20
C SER A 52 36.67 4.67 38.96
N THR A 53 37.60 3.72 38.98
CA THR A 53 37.88 2.84 37.83
C THR A 53 36.71 1.86 37.52
N ALA A 54 35.94 1.42 38.55
CA ALA A 54 34.78 0.52 38.36
C ALA A 54 33.64 1.22 37.60
N LYS A 55 33.47 2.54 37.81
CA LYS A 55 32.45 3.35 37.13
C LYS A 55 32.75 3.47 35.62
N ALA A 56 34.04 3.47 35.27
CA ALA A 56 34.57 3.56 33.92
C ALA A 56 34.76 2.16 33.29
N ALA A 57 34.47 1.06 34.02
CA ALA A 57 34.66 -0.32 33.57
C ALA A 57 33.55 -0.91 32.68
N THR A 58 32.32 -0.37 32.78
CA THR A 58 31.16 -0.86 32.03
C THR A 58 30.52 0.24 31.20
N ASP A 59 29.58 -0.13 30.32
CA ASP A 59 28.84 0.80 29.48
C ASP A 59 27.35 0.46 29.44
N PHE A 60 26.57 1.17 28.62
CA PHE A 60 25.11 0.94 28.44
C PHE A 60 24.75 -0.50 28.02
N GLY A 61 25.64 -1.15 27.28
CA GLY A 61 25.42 -2.53 26.82
C GLY A 61 25.37 -3.57 27.90
N GLN A 62 26.08 -3.30 29.05
CA GLN A 62 26.17 -4.17 30.24
C GLN A 62 26.64 -5.59 29.89
N MET A 63 27.53 -5.74 28.91
CA MET A 63 28.03 -7.06 28.51
C MET A 63 29.55 -7.17 28.63
N VAL A 64 30.24 -6.05 28.46
CA VAL A 64 31.71 -5.97 28.48
C VAL A 64 32.15 -5.25 29.77
N ARG A 65 33.07 -5.88 30.53
CA ARG A 65 33.69 -5.29 31.72
C ARG A 65 35.20 -5.32 31.55
N ALA A 66 35.85 -4.13 31.61
CA ALA A 66 37.30 -3.95 31.51
C ALA A 66 37.69 -2.59 32.15
N ALA A 67 38.05 -2.64 33.44
CA ALA A 67 38.44 -1.46 34.22
C ALA A 67 39.74 -0.85 33.72
N PRO A 68 39.82 0.51 33.65
CA PRO A 68 41.09 1.14 33.25
C PRO A 68 42.06 1.17 34.45
N GLU A 69 43.29 1.65 34.22
CA GLU A 69 44.25 1.82 35.31
C GLU A 69 43.88 3.09 36.08
N ALA A 70 43.28 4.07 35.39
CA ALA A 70 42.90 5.34 35.99
C ALA A 70 41.80 6.07 35.22
N VAL A 71 41.17 7.02 35.92
CA VAL A 71 40.18 7.93 35.34
C VAL A 71 40.81 9.31 35.39
N PHE A 72 40.78 10.03 34.25
CA PHE A 72 41.29 11.39 34.15
C PHE A 72 40.09 12.36 34.16
N HIS A 73 40.17 13.35 35.04
CA HIS A 73 39.13 14.36 35.20
C HIS A 73 39.68 15.72 34.76
N PRO A 74 39.71 16.00 33.43
CA PRO A 74 40.29 17.28 32.97
C PRO A 74 39.48 18.51 33.37
N ALA A 75 40.16 19.60 33.67
CA ALA A 75 39.50 20.86 34.03
C ALA A 75 39.14 21.59 32.76
N THR A 76 40.06 21.50 31.75
CA THR A 76 39.99 22.15 30.45
C THR A 76 40.44 21.17 29.35
N PRO A 77 40.17 21.44 28.04
CA PRO A 77 40.66 20.53 26.99
C PRO A 77 42.20 20.46 26.90
N ALA A 78 42.90 21.51 27.39
CA ALA A 78 44.35 21.58 27.44
C ALA A 78 44.94 20.46 28.31
N ASP A 79 44.19 20.03 29.36
CA ASP A 79 44.60 18.92 30.23
C ASP A 79 44.59 17.59 29.47
N ILE A 80 43.58 17.37 28.56
CA ILE A 80 43.48 16.16 27.74
C ILE A 80 44.72 16.10 26.83
N ALA A 81 45.06 17.24 26.18
CA ALA A 81 46.24 17.39 25.31
C ALA A 81 47.52 17.03 26.03
N ALA A 82 47.67 17.45 27.32
CA ALA A 82 48.88 17.15 28.08
C ALA A 82 48.97 15.65 28.42
N LEU A 83 47.81 15.00 28.68
CA LEU A 83 47.75 13.57 28.97
C LEU A 83 48.13 12.71 27.72
N VAL A 84 47.57 13.07 26.56
CA VAL A 84 47.82 12.38 25.28
C VAL A 84 49.29 12.53 24.85
N ARG A 85 49.83 13.76 24.93
CA ARG A 85 51.24 14.05 24.60
C ARG A 85 52.17 13.18 25.49
N PHE A 86 51.90 13.14 26.82
CA PHE A 86 52.68 12.36 27.78
C PHE A 86 52.72 10.89 27.37
N SER A 87 51.56 10.30 27.02
CA SER A 87 51.48 8.91 26.61
C SER A 87 52.24 8.69 25.28
N ALA A 88 51.94 9.52 24.26
CA ALA A 88 52.53 9.49 22.91
C ALA A 88 54.07 9.58 22.90
N THR A 89 54.67 10.30 23.88
CA THR A 89 56.12 10.49 23.98
C THR A 89 56.77 9.57 25.05
N SER A 90 55.93 8.83 25.80
CA SER A 90 56.34 7.91 26.87
C SER A 90 57.06 6.66 26.34
N ALA A 91 57.91 6.04 27.18
CA ALA A 91 58.65 4.80 26.86
C ALA A 91 57.68 3.61 26.83
N ALA A 92 56.55 3.72 27.56
CA ALA A 92 55.47 2.73 27.63
C ALA A 92 54.11 3.43 27.37
N PRO A 93 53.76 3.68 26.09
CA PRO A 93 52.49 4.38 25.78
C PRO A 93 51.25 3.58 26.17
N PHE A 94 50.35 4.22 26.90
CA PHE A 94 49.10 3.63 27.39
C PHE A 94 47.89 4.15 26.62
N PRO A 95 46.84 3.31 26.44
CA PRO A 95 45.66 3.79 25.72
C PRO A 95 44.88 4.89 26.47
N VAL A 96 44.24 5.79 25.71
CA VAL A 96 43.44 6.88 26.21
C VAL A 96 42.03 6.81 25.56
N ALA A 97 40.97 6.67 26.37
CA ALA A 97 39.60 6.64 25.85
C ALA A 97 38.71 7.73 26.42
N PRO A 98 38.27 8.70 25.61
CA PRO A 98 37.29 9.67 26.12
C PRO A 98 35.96 8.96 26.36
N ARG A 99 35.33 9.23 27.49
CA ARG A 99 34.02 8.66 27.79
C ARG A 99 33.02 9.79 27.94
N GLY A 100 31.96 9.70 27.14
CA GLY A 100 30.85 10.63 27.18
C GLY A 100 29.86 10.13 28.21
N GLN A 101 28.70 9.65 27.75
CA GLN A 101 27.67 9.09 28.61
C GLN A 101 27.75 7.56 28.71
N GLY A 102 28.68 6.94 27.96
CA GLY A 102 28.84 5.50 27.99
C GLY A 102 27.67 4.80 27.31
N HIS A 103 27.06 5.47 26.33
CA HIS A 103 25.93 4.93 25.57
C HIS A 103 26.39 4.12 24.37
N SER A 104 27.36 3.25 24.62
CA SER A 104 27.98 2.30 23.72
C SER A 104 27.65 0.98 24.33
N TRP A 105 27.69 -0.10 23.54
CA TRP A 105 27.34 -1.39 24.08
C TRP A 105 28.38 -2.47 23.75
N ARG A 106 29.47 -2.10 23.07
CA ARG A 106 30.52 -3.09 22.73
C ARG A 106 31.92 -2.78 23.34
N GLY A 107 31.91 -1.99 24.42
CA GLY A 107 33.11 -1.59 25.16
C GLY A 107 34.02 -0.60 24.46
N GLN A 108 33.45 0.21 23.54
CA GLN A 108 34.20 1.22 22.75
C GLN A 108 34.80 2.34 23.60
N ALA A 109 34.19 2.69 24.76
CA ALA A 109 34.68 3.76 25.65
C ALA A 109 35.62 3.22 26.78
N LEU A 110 35.92 1.93 26.74
CA LEU A 110 36.76 1.31 27.74
C LEU A 110 38.28 1.35 27.38
N ALA A 111 39.11 1.51 28.41
CA ALA A 111 40.58 1.58 28.25
C ALA A 111 41.35 0.67 29.24
N PRO A 112 41.18 -0.68 29.15
CA PRO A 112 41.99 -1.57 30.01
C PRO A 112 43.50 -1.39 29.73
N GLY A 113 44.28 -1.22 30.80
CA GLY A 113 45.72 -0.96 30.71
C GLY A 113 46.04 0.51 30.49
N GLY A 114 45.01 1.35 30.44
CA GLY A 114 45.19 2.77 30.19
C GLY A 114 44.29 3.68 30.99
N VAL A 115 43.93 4.83 30.40
CA VAL A 115 43.16 5.87 31.08
C VAL A 115 41.86 6.23 30.37
N VAL A 116 40.78 6.28 31.14
CA VAL A 116 39.48 6.74 30.67
C VAL A 116 39.40 8.22 31.03
N VAL A 117 39.11 9.07 30.03
CA VAL A 117 38.94 10.50 30.22
C VAL A 117 37.45 10.76 30.47
N ASP A 118 37.11 11.23 31.70
CA ASP A 118 35.74 11.58 32.07
C ASP A 118 35.48 12.92 31.39
N MET A 119 34.80 12.89 30.22
CA MET A 119 34.58 14.12 29.44
C MET A 119 33.73 15.15 30.19
N GLY A 120 32.77 14.66 30.98
CA GLY A 120 31.88 15.48 31.82
C GLY A 120 32.60 16.42 32.77
N SER A 121 33.90 16.14 33.08
CA SER A 121 34.72 16.99 33.96
C SER A 121 34.97 18.38 33.38
N LEU A 122 34.97 18.48 32.04
CA LEU A 122 35.11 19.73 31.28
C LEU A 122 33.90 20.64 31.44
N GLY A 123 32.78 20.12 31.95
CA GLY A 123 31.56 20.90 32.13
C GLY A 123 31.63 21.91 33.26
N ARG A 124 32.61 22.83 33.21
CA ARG A 124 32.84 23.89 34.21
C ARG A 124 32.69 25.23 33.53
N GLY A 125 31.84 26.08 34.09
CA GLY A 125 31.53 27.40 33.56
C GLY A 125 30.78 27.32 32.24
N PRO A 126 30.77 28.42 31.45
CA PRO A 126 30.05 28.38 30.16
C PRO A 126 30.67 27.41 29.15
N ARG A 127 29.93 26.35 28.83
CA ARG A 127 30.41 25.35 27.86
C ARG A 127 29.48 25.27 26.64
N ILE A 128 28.49 26.20 26.57
CA ILE A 128 27.56 26.34 25.46
C ILE A 128 27.43 27.82 25.16
N ASN A 129 27.85 28.24 23.96
CA ASN A 129 27.80 29.63 23.55
C ASN A 129 27.06 29.80 22.23
N VAL A 130 25.90 30.46 22.29
CA VAL A 130 25.09 30.72 21.11
C VAL A 130 25.48 32.09 20.56
N SER A 131 25.63 32.18 19.24
CA SER A 131 25.87 33.47 18.56
C SER A 131 24.59 33.73 17.72
N ALA A 132 23.68 34.56 18.27
CA ALA A 132 22.41 34.87 17.61
C ALA A 132 22.44 36.23 16.88
N ALA A 133 23.47 37.07 17.17
CA ALA A 133 23.78 38.40 16.61
C ALA A 133 22.56 39.35 16.53
N ALA A 136 25.59 36.80 10.41
CA ALA A 136 25.01 36.06 9.29
C ALA A 136 24.17 34.88 9.82
N GLU A 137 24.60 33.62 9.59
CA GLU A 137 23.90 32.43 10.05
C GLU A 137 24.19 32.15 11.54
N PRO A 138 23.14 31.93 12.37
CA PRO A 138 23.38 31.64 13.80
C PRO A 138 23.96 30.26 14.05
N PHE A 139 24.85 30.14 15.03
CA PHE A 139 25.45 28.86 15.37
C PHE A 139 25.60 28.73 16.89
N VAL A 140 25.84 27.52 17.35
CA VAL A 140 26.08 27.23 18.77
C VAL A 140 27.44 26.53 18.92
N ASP A 141 28.31 27.09 19.77
CA ASP A 141 29.61 26.52 20.13
C ASP A 141 29.37 25.68 21.39
N ALA A 142 29.61 24.38 21.28
CA ALA A 142 29.35 23.48 22.40
C ALA A 142 30.53 22.57 22.69
N GLY A 143 30.83 22.41 23.98
CA GLY A 143 31.85 21.51 24.47
C GLY A 143 31.51 20.10 24.04
N GLY A 144 32.54 19.33 23.69
CA GLY A 144 32.37 17.94 23.23
C GLY A 144 31.65 17.06 24.23
N GLU A 145 31.76 17.41 25.53
CA GLU A 145 31.13 16.70 26.65
C GLU A 145 29.64 17.02 26.87
N GLN A 146 29.18 18.16 26.34
CA GLN A 146 27.80 18.66 26.51
C GLN A 146 26.74 17.73 25.96
N LEU A 147 25.66 17.58 26.74
CA LEU A 147 24.50 16.76 26.32
C LEU A 147 23.67 17.57 25.35
N TRP A 148 23.15 16.90 24.32
CA TRP A 148 22.26 17.50 23.31
C TRP A 148 21.03 18.13 23.98
N VAL A 149 20.57 17.55 25.12
CA VAL A 149 19.44 18.07 25.91
C VAL A 149 19.81 19.49 26.45
N ASP A 150 21.05 19.65 26.98
CA ASP A 150 21.58 20.91 27.49
C ASP A 150 21.87 21.89 26.35
N VAL A 151 22.32 21.39 25.17
CA VAL A 151 22.50 22.26 24.00
C VAL A 151 21.12 22.86 23.63
N LEU A 152 20.07 21.99 23.52
CA LEU A 152 18.69 22.38 23.21
C LEU A 152 18.17 23.49 24.15
N ARG A 153 18.27 23.28 25.49
CA ARG A 153 17.86 24.26 26.53
C ARG A 153 18.45 25.65 26.31
N ALA A 154 19.78 25.72 26.00
CA ALA A 154 20.51 26.95 25.75
C ALA A 154 20.07 27.65 24.46
N THR A 155 19.92 26.90 23.34
CA THR A 155 19.51 27.50 22.06
C THR A 155 18.03 27.98 22.10
N LEU A 156 17.14 27.24 22.79
CA LEU A 156 15.72 27.62 22.91
C LEU A 156 15.50 28.98 23.60
N ARG A 157 16.44 29.41 24.47
CA ARG A 157 16.37 30.71 25.14
C ARG A 157 16.44 31.84 24.09
N HIS A 158 17.15 31.60 22.97
CA HIS A 158 17.28 32.51 21.83
C HIS A 158 16.30 32.12 20.69
N GLY A 159 15.42 31.13 20.92
CA GLY A 159 14.47 30.63 19.93
C GLY A 159 15.11 29.92 18.75
N LEU A 160 16.26 29.29 18.98
CA LEU A 160 16.99 28.56 17.96
C LEU A 160 17.11 27.12 18.38
N ALA A 161 17.44 26.25 17.41
CA ALA A 161 17.70 24.82 17.66
C ALA A 161 18.55 24.21 16.58
N PRO A 162 19.41 23.22 16.94
CA PRO A 162 20.09 22.40 15.91
C PRO A 162 19.00 21.71 15.02
N ARG A 163 19.36 21.35 13.79
CA ARG A 163 18.41 20.81 12.82
C ARG A 163 18.19 19.32 12.88
N VAL A 164 19.17 18.58 13.36
CA VAL A 164 19.11 17.11 13.36
C VAL A 164 19.41 16.59 14.72
N TRP A 165 18.56 15.64 15.15
CA TRP A 165 18.59 15.05 16.47
C TRP A 165 18.58 13.55 16.45
N THR A 166 19.31 12.96 17.40
CA THR A 166 19.22 11.54 17.71
C THR A 166 17.87 11.43 18.50
N ASP A 167 17.34 10.23 18.63
CA ASP A 167 16.08 9.95 19.33
C ASP A 167 16.25 10.15 20.82
N TYR A 168 17.48 10.04 21.33
CA TYR A 168 17.80 10.13 22.75
C TYR A 168 18.72 11.32 22.96
N LEU A 169 18.25 12.32 23.72
CA LEU A 169 18.98 13.58 23.90
C LEU A 169 20.07 13.61 25.00
N ARG A 170 20.13 12.57 25.84
N ARG A 170 20.15 12.56 25.82
CA ARG A 170 21.12 12.48 26.91
CA ARG A 170 21.15 12.48 26.89
C ARG A 170 22.40 11.76 26.42
C ARG A 170 22.41 11.75 26.41
N LEU A 171 22.96 12.23 25.28
CA LEU A 171 24.18 11.71 24.62
C LEU A 171 25.11 12.92 24.43
N THR A 172 26.43 12.72 24.47
CA THR A 172 27.32 13.88 24.29
C THR A 172 27.42 14.30 22.81
N VAL A 173 27.78 15.56 22.60
CA VAL A 173 28.01 16.17 21.30
C VAL A 173 29.15 15.40 20.56
N GLY A 174 30.27 15.19 21.25
CA GLY A 174 31.43 14.47 20.74
C GLY A 174 31.16 13.00 20.51
N GLY A 175 30.31 12.40 21.35
CA GLY A 175 29.92 11.00 21.22
C GLY A 175 29.13 10.70 19.96
N THR A 176 28.09 11.50 19.66
CA THR A 176 27.24 11.28 18.46
C THR A 176 27.99 11.68 17.15
N LEU A 177 28.83 12.75 17.22
CA LEU A 177 29.62 13.23 16.08
C LEU A 177 30.74 12.28 15.69
N SER A 178 31.14 11.41 16.63
CA SER A 178 32.14 10.36 16.38
C SER A 178 31.48 9.21 15.59
N ASN A 179 30.13 9.22 15.47
CA ASN A 179 29.43 8.18 14.69
C ASN A 179 28.81 8.70 13.41
N ALA A 180 27.93 9.70 13.53
CA ALA A 180 27.20 10.41 12.46
C ALA A 180 26.08 11.21 13.08
N GLY A 181 25.30 10.56 13.95
CA GLY A 181 24.14 11.12 14.61
C GLY A 181 22.95 11.13 13.67
N ILE A 182 22.22 10.02 13.60
CA ILE A 182 21.06 9.91 12.73
C ILE A 182 19.76 10.03 13.55
N GLY A 183 18.73 10.52 12.88
CA GLY A 183 17.39 10.74 13.41
C GLY A 183 16.44 11.06 12.28
N GLY A 184 15.19 11.34 12.65
CA GLY A 184 14.09 11.61 11.73
C GLY A 184 14.21 12.78 10.80
N GLN A 185 15.15 13.70 11.05
CA GLN A 185 15.36 14.89 10.20
C GLN A 185 16.54 14.69 9.25
N ALA A 186 17.26 13.56 9.36
CA ALA A 186 18.46 13.29 8.55
C ALA A 186 18.19 13.13 7.05
N PHE A 187 16.96 12.71 6.64
CA PHE A 187 16.58 12.57 5.23
C PHE A 187 16.66 13.93 4.53
N ARG A 188 16.34 15.01 5.26
CA ARG A 188 16.38 16.37 4.73
C ARG A 188 17.74 17.06 4.89
N HIS A 189 18.28 17.10 6.13
CA HIS A 189 19.50 17.86 6.41
C HIS A 189 20.80 17.05 6.54
N GLY A 190 20.71 15.75 6.34
CA GLY A 190 21.84 14.85 6.54
C GLY A 190 22.03 14.45 8.00
N PRO A 191 23.05 13.64 8.33
CA PRO A 191 23.29 13.30 9.73
C PRO A 191 23.80 14.53 10.52
N GLN A 192 23.92 14.43 11.85
CA GLN A 192 24.47 15.53 12.66
C GLN A 192 25.88 15.95 12.17
N ILE A 193 26.69 15.01 11.64
CA ILE A 193 28.06 15.33 11.13
C ILE A 193 28.01 16.26 9.86
N ALA A 194 26.83 16.35 9.19
CA ALA A 194 26.62 17.21 8.02
C ALA A 194 26.11 18.58 8.45
N ASN A 195 25.96 18.78 9.78
CA ASN A 195 25.46 20.01 10.37
C ASN A 195 26.45 20.62 11.36
N VAL A 196 27.75 20.47 11.05
CA VAL A 196 28.87 20.97 11.86
C VAL A 196 29.71 21.96 11.02
N HIS A 197 29.97 23.17 11.56
CA HIS A 197 30.79 24.20 10.89
C HIS A 197 32.27 23.99 11.21
N GLU A 198 32.60 23.64 12.48
CA GLU A 198 33.97 23.42 12.92
C GLU A 198 34.06 22.58 14.20
N LEU A 199 35.26 22.02 14.44
CA LEU A 199 35.61 21.22 15.62
C LEU A 199 36.94 21.65 16.22
N ASP A 200 37.06 21.48 17.53
CA ASP A 200 38.33 21.57 18.24
C ASP A 200 38.61 20.10 18.52
N VAL A 201 39.77 19.62 18.12
CA VAL A 201 40.16 18.22 18.27
C VAL A 201 41.55 18.14 18.95
N VAL A 202 41.68 17.24 19.92
CA VAL A 202 42.96 16.91 20.55
C VAL A 202 43.40 15.63 19.83
N THR A 203 44.40 15.72 18.91
CA THR A 203 44.92 14.57 18.16
C THR A 203 45.61 13.52 19.08
N GLY A 204 45.89 12.35 18.52
CA GLY A 204 46.61 11.26 19.19
C GLY A 204 48.09 11.57 19.46
N THR A 205 48.57 12.74 19.00
CA THR A 205 49.95 13.23 19.25
C THR A 205 49.92 14.27 20.40
N GLY A 206 48.73 14.62 20.86
CA GLY A 206 48.52 15.59 21.93
C GLY A 206 48.36 17.02 21.45
N GLU A 207 48.20 17.22 20.14
CA GLU A 207 48.05 18.55 19.53
C GLU A 207 46.59 19.05 19.52
N MET A 208 46.36 20.32 19.96
N MET A 208 46.38 20.32 19.93
CA MET A 208 45.03 20.93 19.92
CA MET A 208 45.07 20.99 19.94
C MET A 208 44.89 21.63 18.57
C MET A 208 44.87 21.68 18.59
N VAL A 209 43.94 21.16 17.76
CA VAL A 209 43.70 21.67 16.41
C VAL A 209 42.25 22.14 16.22
N THR A 210 42.07 23.35 15.63
CA THR A 210 40.75 23.84 15.22
C THR A 210 40.63 23.46 13.73
N CYS A 211 39.56 22.78 13.36
CA CYS A 211 39.39 22.34 11.97
C CYS A 211 37.97 22.56 11.43
N SER A 212 37.88 22.77 10.13
CA SER A 212 36.65 23.03 9.38
C SER A 212 36.85 22.53 7.96
N MET A 213 35.90 22.84 7.07
CA MET A 213 35.98 22.52 5.64
C MET A 213 37.13 23.25 4.93
N ASP A 214 37.54 24.43 5.45
CA ASP A 214 38.59 25.23 4.81
C ASP A 214 39.98 25.22 5.51
N VAL A 215 40.03 24.86 6.81
CA VAL A 215 41.29 24.82 7.56
C VAL A 215 41.40 23.44 8.20
N ASN A 216 42.56 22.77 8.03
CA ASN A 216 42.82 21.41 8.58
C ASN A 216 41.68 20.44 8.21
N SER A 217 41.14 20.57 6.97
CA SER A 217 39.99 19.82 6.43
C SER A 217 40.17 18.30 6.42
N ASP A 218 41.41 17.79 6.33
CA ASP A 218 41.68 16.35 6.37
C ASP A 218 41.36 15.78 7.77
N LEU A 219 41.70 16.52 8.83
CA LEU A 219 41.36 16.13 10.21
C LEU A 219 39.84 16.27 10.44
N PHE A 220 39.23 17.38 9.95
CA PHE A 220 37.81 17.66 10.10
C PHE A 220 36.98 16.52 9.52
N MET A 221 37.31 16.09 8.30
CA MET A 221 36.65 14.98 7.60
C MET A 221 36.84 13.62 8.29
N ALA A 222 38.05 13.34 8.80
CA ALA A 222 38.39 12.10 9.50
C ALA A 222 37.61 11.95 10.83
N ALA A 223 37.57 13.03 11.66
CA ALA A 223 36.93 13.02 12.97
C ALA A 223 35.40 12.81 12.92
N LEU A 224 34.71 13.36 11.90
CA LEU A 224 33.26 13.23 11.73
C LEU A 224 32.91 11.81 11.27
N GLY A 225 32.33 11.04 12.19
CA GLY A 225 32.06 9.62 12.04
C GLY A 225 33.34 8.80 12.24
N GLY A 226 34.34 9.45 12.83
CA GLY A 226 35.66 8.90 13.05
C GLY A 226 35.87 7.89 14.16
N LEU A 227 34.85 7.62 14.98
CA LEU A 227 34.89 6.64 16.10
C LEU A 227 36.05 6.93 17.11
N GLY A 228 36.35 8.23 17.25
CA GLY A 228 37.42 8.73 18.12
C GLY A 228 38.83 8.30 17.73
N GLN A 229 39.03 7.84 16.47
CA GLN A 229 40.35 7.35 16.03
C GLN A 229 41.39 8.41 15.69
N PHE A 230 40.98 9.66 15.47
CA PHE A 230 41.93 10.69 15.03
C PHE A 230 42.16 11.80 16.06
N GLY A 231 41.36 11.77 17.12
CA GLY A 231 41.41 12.74 18.19
C GLY A 231 40.11 12.88 18.96
N VAL A 232 40.20 13.58 20.09
CA VAL A 232 39.07 13.79 20.98
C VAL A 232 38.40 15.12 20.59
N ILE A 233 37.10 15.09 20.23
CA ILE A 233 36.36 16.32 19.92
C ILE A 233 36.11 17.03 21.27
N THR A 234 36.60 18.27 21.41
CA THR A 234 36.42 19.03 22.65
C THR A 234 35.47 20.19 22.45
N ARG A 235 35.21 20.54 21.19
CA ARG A 235 34.23 21.57 20.80
C ARG A 235 33.64 21.26 19.42
N ALA A 236 32.34 21.58 19.26
CA ALA A 236 31.66 21.51 17.96
C ALA A 236 30.86 22.78 17.75
N ARG A 237 31.02 23.38 16.57
CA ARG A 237 30.24 24.53 16.18
C ARG A 237 29.07 23.96 15.37
N ILE A 238 27.88 23.94 15.98
CA ILE A 238 26.66 23.35 15.42
C ILE A 238 25.77 24.37 14.75
N ARG A 239 25.32 24.00 13.55
CA ARG A 239 24.38 24.74 12.70
C ARG A 239 23.01 24.88 13.40
N LEU A 240 22.40 26.08 13.32
CA LEU A 240 21.10 26.35 13.96
C LEU A 240 20.10 26.84 12.94
N GLU A 241 18.81 26.70 13.29
CA GLU A 241 17.70 27.20 12.50
C GLU A 241 16.61 27.75 13.48
N PRO A 242 15.63 28.59 13.04
CA PRO A 242 14.60 29.04 13.99
C PRO A 242 13.85 27.84 14.58
N ALA A 243 13.63 27.87 15.89
CA ALA A 243 12.95 26.81 16.60
C ALA A 243 11.42 26.82 16.45
N PRO A 244 10.83 25.64 16.14
CA PRO A 244 9.36 25.54 16.12
C PRO A 244 8.80 25.67 17.54
N LYS A 245 7.50 25.95 17.63
CA LYS A 245 6.77 26.08 18.90
C LYS A 245 6.15 24.74 19.28
N ARG A 246 5.42 24.13 18.32
CA ARG A 246 4.69 22.89 18.55
C ARG A 246 4.90 21.88 17.41
N VAL A 247 4.48 20.62 17.65
CA VAL A 247 4.61 19.53 16.68
C VAL A 247 3.29 18.75 16.58
N ARG A 248 2.83 18.51 15.35
CA ARG A 248 1.71 17.62 15.06
C ARG A 248 2.41 16.27 14.78
N TRP A 249 2.26 15.34 15.71
CA TRP A 249 2.98 14.07 15.73
C TRP A 249 2.03 12.91 15.39
N VAL A 250 2.34 12.17 14.32
CA VAL A 250 1.50 11.06 13.89
C VAL A 250 2.23 9.70 13.78
N ARG A 251 1.46 8.63 13.98
CA ARG A 251 1.86 7.24 13.76
C ARG A 251 0.80 6.58 12.87
N LEU A 252 1.23 6.01 11.74
CA LEU A 252 0.36 5.43 10.73
C LEU A 252 0.66 3.96 10.59
N ALA A 253 -0.37 3.13 10.79
CA ALA A 253 -0.22 1.67 10.77
C ALA A 253 -0.42 1.03 9.38
N TYR A 254 0.46 0.06 9.05
CA TYR A 254 0.49 -0.74 7.81
C TYR A 254 0.70 -2.20 8.14
N THR A 255 0.11 -3.09 7.33
CA THR A 255 0.30 -4.54 7.43
C THR A 255 1.17 -5.01 6.24
N ASP A 256 1.13 -4.26 5.11
CA ASP A 256 1.88 -4.53 3.89
C ASP A 256 3.19 -3.71 3.87
N VAL A 257 4.34 -4.42 3.91
CA VAL A 257 5.67 -3.81 3.91
C VAL A 257 5.91 -2.99 2.62
N ALA A 258 5.46 -3.49 1.45
CA ALA A 258 5.64 -2.78 0.16
C ALA A 258 4.92 -1.43 0.14
N THR A 259 3.73 -1.34 0.75
CA THR A 259 2.97 -0.08 0.85
C THR A 259 3.69 0.88 1.84
N PHE A 260 4.12 0.33 2.99
CA PHE A 260 4.82 1.05 4.06
C PHE A 260 6.10 1.68 3.52
N THR A 261 6.92 0.91 2.79
CA THR A 261 8.18 1.41 2.22
C THR A 261 7.95 2.43 1.12
N LYS A 262 6.96 2.18 0.23
CA LYS A 262 6.57 3.11 -0.84
C LYS A 262 6.19 4.48 -0.22
N ASP A 263 5.34 4.47 0.83
CA ASP A 263 4.95 5.71 1.52
C ASP A 263 6.11 6.38 2.22
N GLN A 264 7.03 5.62 2.86
CA GLN A 264 8.20 6.27 3.50
C GLN A 264 9.07 6.96 2.45
N GLU A 265 9.28 6.28 1.29
CA GLU A 265 10.11 6.82 0.20
C GLU A 265 9.48 8.07 -0.41
N PHE A 266 8.12 8.09 -0.54
CA PHE A 266 7.38 9.25 -1.00
C PHE A 266 7.59 10.42 -0.02
N LEU A 267 7.51 10.15 1.29
CA LEU A 267 7.66 11.15 2.35
C LEU A 267 9.06 11.80 2.46
N ILE A 268 10.13 11.10 2.06
CA ILE A 268 11.50 11.64 2.14
C ILE A 268 11.97 12.25 0.79
N SER A 269 11.15 12.12 -0.28
CA SER A 269 11.44 12.60 -1.64
C SER A 269 11.24 14.11 -1.75
N ASN A 270 11.84 14.75 -2.77
CA ASN A 270 11.75 16.19 -3.04
C ASN A 270 10.31 16.66 -3.26
N ARG A 271 9.44 15.74 -3.73
CA ARG A 271 8.00 15.96 -3.96
C ARG A 271 7.35 16.52 -2.68
N THR A 272 7.56 15.84 -1.53
CA THR A 272 7.01 16.25 -0.24
C THR A 272 8.13 16.40 0.81
N GLN A 274 8.67 19.89 0.98
CA GLN A 274 8.30 21.30 0.93
C GLN A 274 6.97 21.60 1.64
N VAL A 275 6.07 20.58 1.68
CA VAL A 275 4.74 20.61 2.27
C VAL A 275 4.51 19.27 3.06
N GLY A 276 5.60 18.58 3.38
CA GLY A 276 5.54 17.31 4.11
C GLY A 276 5.96 17.38 5.56
N PHE A 277 6.38 16.25 6.11
CA PHE A 277 6.90 16.12 7.47
C PHE A 277 8.32 16.64 7.58
N ASP A 278 8.65 17.18 8.75
CA ASP A 278 9.99 17.65 9.09
C ASP A 278 10.79 16.48 9.69
N TYR A 279 10.06 15.46 10.14
CA TYR A 279 10.58 14.24 10.76
C TYR A 279 9.88 13.04 10.19
N VAL A 280 10.68 12.04 9.77
CA VAL A 280 10.19 10.77 9.21
C VAL A 280 10.98 9.59 9.81
N GLU A 281 10.29 8.75 10.59
CA GLU A 281 10.84 7.52 11.13
C GLU A 281 9.83 6.38 10.88
N GLY A 282 10.16 5.22 11.41
CA GLY A 282 9.35 4.05 11.29
C GLY A 282 9.76 3.01 12.30
N GLN A 283 8.80 2.14 12.60
CA GLN A 283 8.96 1.04 13.55
C GLN A 283 8.36 -0.22 13.00
N VAL A 284 8.97 -1.35 13.36
CA VAL A 284 8.50 -2.68 13.00
C VAL A 284 8.07 -3.33 14.31
N GLN A 285 6.84 -3.78 14.39
CA GLN A 285 6.33 -4.46 15.58
C GLN A 285 5.98 -5.89 15.26
N LEU A 286 6.72 -6.85 15.86
CA LEU A 286 6.46 -8.27 15.64
C LEU A 286 5.16 -8.64 16.33
N ASN A 287 4.39 -9.55 15.71
CA ASN A 287 3.06 -9.95 16.22
C ASN A 287 3.00 -10.18 17.74
N ARG A 288 3.90 -11.02 18.28
CA ARG A 288 3.90 -11.37 19.69
C ARG A 288 4.23 -10.20 20.65
N SER A 289 5.05 -9.22 20.20
CA SER A 289 5.41 -8.06 21.02
C SER A 289 4.23 -7.11 21.29
N LEU A 290 3.17 -7.26 20.48
CA LEU A 290 1.94 -6.49 20.59
C LEU A 290 0.92 -7.29 21.43
N VAL A 291 0.76 -8.59 21.12
CA VAL A 291 -0.14 -9.54 21.79
C VAL A 291 0.27 -9.80 23.26
N GLU A 292 1.56 -10.09 23.50
CA GLU A 292 2.16 -10.43 24.82
C GLU A 292 3.00 -9.29 25.44
N GLY A 293 2.90 -8.09 24.86
CA GLY A 293 3.65 -6.93 25.32
C GLY A 293 2.93 -6.12 26.38
N PRO A 294 3.37 -4.85 26.62
CA PRO A 294 2.71 -4.00 27.65
C PRO A 294 1.24 -3.69 27.33
N LYS A 295 0.44 -3.43 28.38
CA LYS A 295 -0.99 -3.13 28.24
C LYS A 295 -1.27 -1.71 27.70
N SER A 296 -0.23 -0.85 27.65
CA SER A 296 -0.22 0.52 27.13
C SER A 296 1.24 0.96 27.00
N THR A 297 1.50 2.01 26.21
CA THR A 297 2.83 2.60 26.04
C THR A 297 2.68 4.12 26.17
N PRO A 298 3.79 4.91 26.34
CA PRO A 298 3.63 6.38 26.37
C PRO A 298 2.89 6.95 25.17
N PHE A 299 3.07 6.39 23.95
CA PHE A 299 2.33 6.87 22.78
C PHE A 299 0.92 6.26 22.68
N PHE A 300 0.79 4.91 22.77
CA PHE A 300 -0.49 4.22 22.61
C PHE A 300 -1.25 3.86 23.89
N SER A 301 -2.56 4.17 23.89
CA SER A 301 -3.49 3.81 24.96
C SER A 301 -3.80 2.30 24.86
N GLY A 302 -4.35 1.72 25.94
CA GLY A 302 -4.77 0.33 25.98
C GLY A 302 -5.79 -0.01 24.90
N ALA A 303 -6.66 0.98 24.58
CA ALA A 303 -7.67 0.90 23.54
C ALA A 303 -7.01 0.84 22.16
N ASP A 304 -5.99 1.72 21.92
CA ASP A 304 -5.21 1.77 20.67
C ASP A 304 -4.57 0.43 20.40
N LEU A 305 -3.91 -0.18 21.43
CA LEU A 305 -3.23 -1.46 21.32
C LEU A 305 -4.17 -2.65 21.04
N ALA A 306 -5.39 -2.63 21.59
CA ALA A 306 -6.37 -3.70 21.35
C ALA A 306 -6.86 -3.64 19.91
N ARG A 307 -7.06 -2.41 19.37
CA ARG A 307 -7.45 -2.11 17.99
C ARG A 307 -6.31 -2.59 17.05
N LEU A 308 -5.03 -2.40 17.46
CA LEU A 308 -3.86 -2.85 16.71
C LEU A 308 -3.69 -4.37 16.79
N ALA A 309 -4.07 -5.00 17.93
CA ALA A 309 -4.02 -6.45 18.13
C ALA A 309 -5.00 -7.13 17.14
N GLY A 310 -6.16 -6.50 16.91
CA GLY A 310 -7.15 -6.94 15.94
C GLY A 310 -6.59 -6.87 14.53
N LEU A 311 -5.96 -5.74 14.17
CA LEU A 311 -5.33 -5.53 12.87
C LEU A 311 -4.19 -6.57 12.61
N ALA A 312 -3.36 -6.84 13.63
CA ALA A 312 -2.22 -7.77 13.53
C ALA A 312 -2.58 -9.27 13.47
N SER A 313 -3.86 -9.60 13.77
CA SER A 313 -4.37 -10.97 13.80
C SER A 313 -5.34 -11.29 12.66
N ARG A 314 -5.74 -10.26 11.88
CA ARG A 314 -6.66 -10.24 10.74
C ARG A 314 -6.41 -11.37 9.70
N THR A 315 -5.13 -11.65 9.37
CA THR A 315 -4.73 -12.69 8.40
C THR A 315 -3.72 -13.58 9.13
N GLY A 316 -4.17 -14.13 10.26
CA GLY A 316 -3.32 -14.90 11.16
C GLY A 316 -2.31 -13.97 11.83
N PRO A 317 -1.31 -14.47 12.59
CA PRO A 317 -0.35 -13.55 13.21
C PRO A 317 0.57 -12.85 12.18
N THR A 318 0.53 -11.50 12.13
CA THR A 318 1.38 -10.67 11.24
C THR A 318 2.01 -9.49 12.00
N ALA A 319 3.07 -8.90 11.39
CA ALA A 319 3.78 -7.74 11.92
C ALA A 319 3.13 -6.43 11.44
N ILE A 320 3.19 -5.42 12.28
CA ILE A 320 2.67 -4.09 11.96
C ILE A 320 3.85 -3.18 11.74
N TYR A 321 3.78 -2.36 10.69
CA TYR A 321 4.80 -1.38 10.39
C TYR A 321 4.19 -0.02 10.60
N TYR A 322 4.86 0.82 11.36
CA TYR A 322 4.38 2.17 11.64
C TYR A 322 5.24 3.20 11.02
N ILE A 323 4.63 4.16 10.30
CA ILE A 323 5.33 5.36 9.86
C ILE A 323 5.09 6.35 11.00
N GLU A 324 6.17 6.97 11.46
CA GLU A 324 6.08 8.01 12.48
C GLU A 324 6.51 9.32 11.82
N GLY A 325 5.57 10.25 11.72
CA GLY A 325 5.80 11.55 11.11
C GLY A 325 5.58 12.70 12.05
N ALA A 326 6.32 13.79 11.84
CA ALA A 326 6.11 14.97 12.67
C ALA A 326 6.18 16.23 11.84
N MET A 327 5.16 17.07 11.97
CA MET A 327 5.02 18.36 11.30
C MET A 327 5.24 19.48 12.33
N TYR A 328 6.32 20.25 12.14
CA TYR A 328 6.68 21.38 13.01
C TYR A 328 5.80 22.58 12.65
N TYR A 329 5.48 23.42 13.63
CA TYR A 329 4.73 24.65 13.39
C TYR A 329 4.99 25.71 14.47
N THR A 330 4.70 26.97 14.12
CA THR A 330 4.88 28.16 14.98
C THR A 330 3.58 28.93 14.92
N GLU A 331 3.52 30.15 15.52
CA GLU A 331 2.32 30.98 15.45
C GLU A 331 1.99 31.35 13.99
N ASP A 332 3.01 31.54 13.13
CA ASP A 332 2.84 31.92 11.72
C ASP A 332 2.29 30.80 10.85
N THR A 333 2.63 29.54 11.17
CA THR A 333 2.16 28.40 10.38
C THR A 333 1.02 27.61 11.05
N ALA A 334 0.65 27.99 12.30
CA ALA A 334 -0.42 27.33 13.05
C ALA A 334 -1.78 27.29 12.32
N ILE A 335 -2.14 28.35 11.53
CA ILE A 335 -3.45 28.38 10.84
C ILE A 335 -3.52 27.44 9.62
N SER A 336 -2.39 27.04 9.02
CA SER A 336 -2.39 26.16 7.85
C SER A 336 -1.98 24.69 8.12
N VAL A 337 -1.52 24.37 9.36
CA VAL A 337 -0.99 23.04 9.75
C VAL A 337 -2.06 21.88 9.63
N ASP A 338 -3.32 22.09 10.05
CA ASP A 338 -4.42 21.10 9.92
C ASP A 338 -4.71 20.75 8.45
N LYS A 339 -4.73 21.77 7.55
CA LYS A 339 -4.95 21.57 6.11
C LYS A 339 -3.73 20.88 5.49
N LYS A 340 -2.52 21.26 5.94
CA LYS A 340 -1.26 20.67 5.51
C LYS A 340 -1.18 19.18 5.87
N MET A 341 -1.60 18.81 7.10
CA MET A 341 -1.61 17.42 7.56
C MET A 341 -2.63 16.59 6.78
N LYS A 342 -3.81 17.17 6.50
CA LYS A 342 -4.86 16.48 5.75
C LYS A 342 -4.42 16.20 4.31
N ALA A 343 -3.85 17.21 3.63
CA ALA A 343 -3.37 17.11 2.25
C ALA A 343 -2.30 16.02 2.12
N LEU A 344 -1.37 15.96 3.09
CA LEU A 344 -0.30 14.96 3.13
C LEU A 344 -0.83 13.54 3.38
N LEU A 345 -1.67 13.35 4.41
CA LEU A 345 -2.21 12.05 4.78
C LEU A 345 -3.08 11.44 3.69
N ASP A 346 -3.84 12.29 2.95
CA ASP A 346 -4.67 11.88 1.83
C ASP A 346 -3.84 11.25 0.70
N GLN A 347 -2.53 11.59 0.62
CA GLN A 347 -1.60 11.04 -0.37
C GLN A 347 -1.08 9.66 0.05
N LEU A 348 -1.25 9.27 1.33
CA LEU A 348 -0.73 8.02 1.89
C LEU A 348 -1.73 6.86 1.90
N SER A 349 -1.23 5.61 2.05
CA SER A 349 -2.04 4.39 1.98
C SER A 349 -1.95 3.50 3.23
N PHE A 350 -1.89 4.12 4.42
CA PHE A 350 -1.93 3.42 5.71
C PHE A 350 -3.33 2.78 5.87
N GLU A 351 -3.42 1.76 6.73
CA GLU A 351 -4.67 1.06 6.99
C GLU A 351 -5.82 2.02 7.40
N PRO A 352 -6.97 2.01 6.67
CA PRO A 352 -8.09 2.88 7.05
C PRO A 352 -8.51 2.70 8.52
N GLY A 353 -8.61 3.83 9.24
CA GLY A 353 -8.95 3.86 10.66
C GLY A 353 -7.73 3.68 11.54
N PHE A 354 -6.52 3.67 10.94
CA PHE A 354 -5.34 3.47 11.76
C PHE A 354 -4.34 4.66 11.78
N PRO A 355 -4.79 5.96 11.68
CA PRO A 355 -3.86 7.06 11.96
C PRO A 355 -3.96 7.39 13.47
N PHE A 356 -2.83 7.74 14.09
CA PHE A 356 -2.76 8.08 15.52
C PHE A 356 -2.12 9.45 15.64
N THR A 357 -2.78 10.38 16.33
CA THR A 357 -2.31 11.76 16.37
C THR A 357 -2.09 12.31 17.79
N LYS A 358 -0.99 13.07 17.94
CA LYS A 358 -0.64 13.82 19.15
C LYS A 358 -0.29 15.26 18.74
N ASP A 359 -0.50 16.21 19.64
CA ASP A 359 -0.11 17.59 19.43
C ASP A 359 0.60 18.04 20.69
N VAL A 360 1.91 18.23 20.59
CA VAL A 360 2.78 18.52 21.73
C VAL A 360 3.68 19.75 21.47
N THR A 361 4.41 20.22 22.50
CA THR A 361 5.38 21.30 22.31
C THR A 361 6.60 20.71 21.56
N PHE A 362 7.43 21.59 20.99
CA PHE A 362 8.65 21.16 20.30
C PHE A 362 9.58 20.36 21.26
N VAL A 363 9.77 20.85 22.50
CA VAL A 363 10.58 20.20 23.55
C VAL A 363 10.00 18.82 23.92
N GLN A 364 8.67 18.72 24.10
CA GLN A 364 8.02 17.43 24.41
C GLN A 364 8.32 16.42 23.32
N PHE A 365 8.29 16.86 22.04
CA PHE A 365 8.56 15.97 20.91
C PHE A 365 10.02 15.50 20.90
N LEU A 366 10.99 16.43 20.89
CA LEU A 366 12.42 16.09 20.85
C LEU A 366 12.85 15.22 22.01
N ASP A 367 12.26 15.45 23.20
CA ASP A 367 12.59 14.72 24.42
C ASP A 367 11.60 13.58 24.74
N ARG A 368 10.81 13.14 23.74
CA ARG A 368 9.81 12.07 23.86
C ARG A 368 10.34 10.77 24.49
N VAL A 369 11.61 10.40 24.22
CA VAL A 369 12.20 9.17 24.73
C VAL A 369 12.45 9.24 26.27
N ARG A 370 12.56 10.46 26.88
CA ARG A 370 12.71 10.60 28.33
C ARG A 370 11.54 9.85 29.04
N GLU A 371 10.31 10.05 28.52
CA GLU A 371 9.09 9.41 29.05
C GLU A 371 9.19 7.88 28.92
N GLU A 372 9.73 7.38 27.79
CA GLU A 372 9.92 5.94 27.56
C GLU A 372 10.93 5.31 28.52
N GLU A 373 12.05 6.00 28.78
CA GLU A 373 13.07 5.58 29.71
C GLU A 373 12.45 5.52 31.14
N ARG A 374 11.69 6.56 31.51
CA ARG A 374 11.00 6.62 32.80
C ARG A 374 10.11 5.39 33.03
N VAL A 375 9.35 4.97 31.99
CA VAL A 375 8.47 3.80 32.06
C VAL A 375 9.33 2.53 32.18
N LEU A 376 10.40 2.42 31.36
CA LEU A 376 11.32 1.28 31.38
C LEU A 376 12.04 1.13 32.75
N ARG A 377 12.50 2.24 33.32
CA ARG A 377 13.17 2.29 34.64
C ARG A 377 12.25 1.80 35.77
N SER A 378 10.98 2.24 35.79
CA SER A 378 10.01 1.82 36.82
C SER A 378 9.72 0.31 36.76
N ALA A 379 9.78 -0.29 35.54
CA ALA A 379 9.56 -1.72 35.34
C ALA A 379 10.87 -2.58 35.50
N GLY A 380 11.98 -1.92 35.85
CA GLY A 380 13.31 -2.53 35.97
C GLY A 380 13.79 -3.12 34.63
N ALA A 381 13.40 -2.46 33.53
CA ALA A 381 13.64 -2.90 32.16
C ALA A 381 14.57 -1.97 31.37
N TRP A 382 15.28 -1.06 32.07
CA TRP A 382 16.21 -0.12 31.45
C TRP A 382 17.66 -0.56 31.67
N GLU A 383 18.08 -0.73 32.94
CA GLU A 383 19.43 -1.14 33.31
C GLU A 383 19.60 -2.64 33.22
N VAL A 384 19.55 -3.11 31.98
CA VAL A 384 19.62 -4.49 31.54
C VAL A 384 20.59 -4.56 30.32
N PRO A 385 21.05 -5.75 29.89
CA PRO A 385 21.93 -5.81 28.70
C PRO A 385 21.24 -5.38 27.40
N HIS A 386 22.01 -4.69 26.52
CA HIS A 386 21.52 -4.19 25.23
C HIS A 386 22.42 -4.68 24.06
N PRO A 387 22.25 -5.93 23.58
CA PRO A 387 23.04 -6.41 22.42
C PRO A 387 22.41 -5.89 21.12
N TRP A 388 22.54 -4.58 20.93
CA TRP A 388 22.00 -3.83 19.81
C TRP A 388 22.76 -4.00 18.49
N LEU A 389 21.99 -3.97 17.39
CA LEU A 389 22.49 -4.08 16.01
C LEU A 389 21.83 -3.01 15.14
N ASN A 390 22.63 -2.29 14.38
CA ASN A 390 22.17 -1.21 13.51
C ASN A 390 22.73 -1.44 12.13
N LEU A 391 21.84 -1.46 11.15
CA LEU A 391 22.20 -1.70 9.75
C LEU A 391 21.70 -0.65 8.80
N PHE A 392 22.48 -0.43 7.73
CA PHE A 392 22.17 0.43 6.58
C PHE A 392 21.98 -0.53 5.41
N VAL A 393 20.76 -0.59 4.88
CA VAL A 393 20.34 -1.53 3.83
C VAL A 393 19.97 -0.78 2.53
N PRO A 394 20.54 -1.15 1.34
CA PRO A 394 20.14 -0.44 0.09
C PRO A 394 18.64 -0.62 -0.20
N ARG A 395 17.98 0.43 -0.71
N ARG A 395 18.00 0.43 -0.73
CA ARG A 395 16.55 0.42 -1.03
CA ARG A 395 16.57 0.51 -1.09
C ARG A 395 16.18 -0.75 -1.96
C ARG A 395 16.15 -0.66 -2.01
N SER A 396 17.03 -1.04 -2.96
CA SER A 396 16.83 -2.13 -3.91
C SER A 396 16.68 -3.53 -3.26
N ARG A 397 17.18 -3.70 -2.02
CA ARG A 397 17.12 -4.97 -1.31
C ARG A 397 16.26 -4.96 -0.03
N ILE A 398 15.56 -3.85 0.24
CA ILE A 398 14.76 -3.70 1.47
C ILE A 398 13.58 -4.74 1.55
N LEU A 399 12.95 -5.08 0.42
CA LEU A 399 11.88 -6.08 0.43
C LEU A 399 12.42 -7.50 0.63
N ASP A 400 13.61 -7.80 0.07
CA ASP A 400 14.27 -9.09 0.24
C ASP A 400 14.74 -9.24 1.71
N PHE A 401 15.23 -8.12 2.31
CA PHE A 401 15.71 -8.06 3.70
C PHE A 401 14.50 -8.37 4.59
N ASP A 402 13.39 -7.63 4.41
CA ASP A 402 12.15 -7.85 5.17
C ASP A 402 11.68 -9.31 5.08
N ASP A 403 11.74 -9.92 3.87
CA ASP A 403 11.31 -11.30 3.68
C ASP A 403 12.12 -12.33 4.51
N GLY A 404 13.43 -12.19 4.52
CA GLY A 404 14.26 -13.13 5.26
C GLY A 404 14.36 -12.86 6.75
N VAL A 405 14.22 -11.58 7.15
CA VAL A 405 14.37 -11.18 8.54
C VAL A 405 13.00 -11.14 9.31
N PHE A 406 12.08 -10.26 8.93
CA PHE A 406 10.80 -10.14 9.65
C PHE A 406 9.81 -11.21 9.33
N LYS A 407 9.78 -11.70 8.07
CA LYS A 407 8.82 -12.71 7.62
C LYS A 407 9.26 -14.15 7.83
N ALA A 408 10.59 -14.40 7.91
CA ALA A 408 11.12 -15.77 8.07
C ALA A 408 11.79 -15.99 9.43
N LEU A 409 12.87 -15.22 9.70
CA LEU A 409 13.65 -15.34 10.93
C LEU A 409 12.90 -14.96 12.21
N LEU A 410 12.32 -13.74 12.26
CA LEU A 410 11.66 -13.19 13.43
C LEU A 410 10.13 -13.28 13.50
N LYS A 411 9.46 -13.87 12.48
CA LYS A 411 7.99 -13.97 12.41
C LYS A 411 7.32 -14.39 13.74
N ASP A 412 7.87 -15.41 14.42
CA ASP A 412 7.33 -15.97 15.66
C ASP A 412 8.15 -15.58 16.90
N ALA A 413 9.13 -14.70 16.74
CA ALA A 413 10.00 -14.24 17.84
C ALA A 413 9.29 -13.23 18.73
N ASN A 414 9.63 -13.21 20.04
CA ASN A 414 9.06 -12.24 20.97
C ASN A 414 10.17 -11.43 21.75
N PRO A 415 11.09 -10.72 21.06
CA PRO A 415 12.11 -9.95 21.80
C PRO A 415 11.55 -8.69 22.44
N ALA A 416 12.12 -8.30 23.59
CA ALA A 416 11.77 -7.07 24.27
C ALA A 416 12.58 -5.99 23.55
N GLY A 417 12.08 -4.77 23.52
CA GLY A 417 12.72 -3.64 22.87
C GLY A 417 11.95 -3.12 21.67
N ILE A 418 12.65 -2.43 20.77
CA ILE A 418 12.02 -1.86 19.56
C ILE A 418 12.86 -2.08 18.32
N ILE A 419 12.19 -2.10 17.18
CA ILE A 419 12.84 -2.23 15.88
C ILE A 419 12.53 -0.97 15.06
N LEU A 420 13.58 -0.22 14.72
CA LEU A 420 13.39 0.95 13.87
C LEU A 420 13.65 0.61 12.41
N MET A 421 12.97 1.31 11.50
CA MET A 421 13.10 1.16 10.06
C MET A 421 12.61 2.41 9.36
N TYR A 422 13.54 3.12 8.74
CA TYR A 422 13.22 4.33 8.00
C TYR A 422 14.30 4.62 6.96
N PRO A 423 13.90 5.23 5.81
CA PRO A 423 14.90 5.52 4.78
C PRO A 423 15.56 6.90 4.93
N MET A 424 16.69 7.06 4.27
CA MET A 424 17.46 8.31 4.21
C MET A 424 17.97 8.58 2.80
N ASN A 425 18.42 9.82 2.57
CA ASN A 425 18.92 10.25 1.27
C ASN A 425 20.45 10.36 1.31
N LYS A 426 21.13 9.57 0.48
CA LYS A 426 22.61 9.56 0.35
C LYS A 426 23.21 10.91 -0.03
N ASP A 427 22.53 11.70 -0.89
CA ASP A 427 23.01 13.03 -1.31
C ASP A 427 23.09 14.08 -0.16
N ARG A 428 22.61 13.73 1.05
CA ARG A 428 22.70 14.60 2.23
C ARG A 428 23.92 14.22 3.12
N TRP A 429 24.59 13.11 2.76
CA TRP A 429 25.78 12.60 3.44
C TRP A 429 27.04 12.98 2.63
N ASP A 430 28.12 13.32 3.33
CA ASP A 430 29.40 13.64 2.71
C ASP A 430 30.30 12.40 2.81
N ASP A 431 30.54 11.74 1.66
CA ASP A 431 31.39 10.55 1.60
C ASP A 431 32.88 10.82 1.94
N ARG A 432 33.30 12.10 2.05
CA ARG A 432 34.68 12.46 2.45
C ARG A 432 34.82 12.28 3.96
N MET A 433 33.70 12.23 4.70
CA MET A 433 33.72 11.99 6.14
C MET A 433 33.93 10.49 6.35
N THR A 434 34.43 10.09 7.51
CA THR A 434 34.71 8.68 7.83
C THR A 434 33.44 7.81 7.77
N ALA A 435 32.28 8.31 8.29
CA ALA A 435 31.00 7.57 8.34
C ALA A 435 30.63 6.84 7.04
N MET A 436 30.33 5.55 7.14
CA MET A 436 30.01 4.70 5.97
C MET A 436 28.52 4.61 5.71
N THR A 437 28.12 4.75 4.42
CA THR A 437 26.76 4.53 3.92
C THR A 437 26.88 3.36 2.93
N PRO A 438 25.78 2.65 2.53
CA PRO A 438 25.94 1.54 1.58
C PRO A 438 26.40 2.04 0.20
N ALA A 439 27.34 1.29 -0.41
CA ALA A 439 27.98 1.67 -1.67
C ALA A 439 27.59 0.84 -2.91
N THR A 440 26.74 -0.20 -2.78
CA THR A 440 26.39 -1.05 -3.93
C THR A 440 25.54 -0.36 -5.01
N ASP A 441 24.65 0.58 -4.61
CA ASP A 441 23.80 1.26 -5.59
C ASP A 441 24.07 2.77 -5.69
N ASP A 442 25.06 3.15 -6.54
CA ASP A 442 25.44 4.56 -6.79
C ASP A 442 24.31 5.30 -7.51
N ASP A 443 23.53 4.58 -8.34
CA ASP A 443 22.39 5.04 -9.11
C ASP A 443 21.21 5.45 -8.20
N ASP A 444 21.13 4.83 -7.00
CA ASP A 444 20.03 5.01 -6.05
C ASP A 444 20.39 5.88 -4.85
N ASN A 445 19.68 6.98 -4.69
CA ASN A 445 19.88 7.92 -3.59
C ASN A 445 19.36 7.40 -2.23
N VAL A 446 18.55 6.32 -2.21
CA VAL A 446 17.91 5.91 -0.96
C VAL A 446 18.48 4.63 -0.34
N PHE A 447 18.61 4.62 1.00
CA PHE A 447 18.99 3.45 1.80
C PHE A 447 18.14 3.48 3.09
N TYR A 448 18.03 2.36 3.80
CA TYR A 448 17.24 2.28 5.03
C TYR A 448 18.11 2.05 6.23
N ALA A 449 17.72 2.66 7.35
CA ALA A 449 18.35 2.42 8.63
C ALA A 449 17.41 1.43 9.31
N VAL A 450 17.96 0.29 9.74
CA VAL A 450 17.23 -0.77 10.44
C VAL A 450 17.96 -0.98 11.77
N SER A 451 17.27 -0.70 12.89
CA SER A 451 17.86 -0.81 14.21
C SER A 451 17.17 -1.83 15.06
N PHE A 452 17.92 -2.84 15.49
CA PHE A 452 17.41 -3.91 16.37
C PHE A 452 17.83 -3.49 17.78
N LEU A 453 16.92 -2.75 18.44
CA LEU A 453 17.16 -2.23 19.77
C LEU A 453 16.57 -3.15 20.81
N TRP A 454 17.11 -4.38 20.91
CA TRP A 454 16.60 -5.34 21.89
C TRP A 454 17.21 -5.23 23.29
N SER A 455 16.40 -5.63 24.27
CA SER A 455 16.76 -5.65 25.68
C SER A 455 16.61 -7.06 26.20
N ALA A 456 17.61 -7.52 26.96
CA ALA A 456 17.58 -8.82 27.58
C ALA A 456 17.01 -8.58 28.98
N LEU A 457 15.71 -8.84 29.18
CA LEU A 457 15.03 -8.60 30.48
C LEU A 457 15.62 -9.46 31.59
N SER A 458 16.25 -10.58 31.20
CA SER A 458 17.01 -11.47 32.05
C SER A 458 18.38 -11.56 31.38
N ALA A 459 19.48 -11.46 32.15
CA ALA A 459 20.85 -11.52 31.63
C ALA A 459 21.16 -12.78 30.78
N ASP A 460 20.47 -13.89 31.07
CA ASP A 460 20.67 -15.14 30.33
C ASP A 460 19.93 -15.18 28.97
N ASP A 461 19.27 -14.06 28.58
CA ASP A 461 18.58 -13.90 27.29
C ASP A 461 19.56 -13.34 26.26
N VAL A 462 20.69 -12.77 26.72
CA VAL A 462 21.72 -12.20 25.83
C VAL A 462 22.14 -13.19 24.69
N PRO A 463 22.51 -14.48 24.95
CA PRO A 463 22.88 -15.37 23.83
C PRO A 463 21.80 -15.54 22.72
N GLN A 464 20.52 -15.51 23.12
CA GLN A 464 19.37 -15.56 22.20
C GLN A 464 19.33 -14.31 21.27
N LEU A 465 19.51 -13.08 21.83
CA LEU A 465 19.52 -11.85 21.03
C LEU A 465 20.79 -11.79 20.15
N GLU A 466 21.94 -12.29 20.69
CA GLU A 466 23.20 -12.32 19.91
C GLU A 466 23.10 -13.29 18.72
N ARG A 467 22.35 -14.38 18.88
CA ARG A 467 22.11 -15.35 17.80
C ARG A 467 21.26 -14.69 16.71
N TRP A 468 20.24 -13.88 17.10
CA TRP A 468 19.40 -13.13 16.15
C TRP A 468 20.27 -12.15 15.33
N ASN A 469 21.16 -11.43 16.03
CA ASN A 469 22.11 -10.49 15.43
C ASN A 469 22.95 -11.17 14.38
N LYS A 470 23.56 -12.33 14.74
CA LYS A 470 24.38 -13.15 13.84
C LYS A 470 23.56 -13.69 12.65
N ALA A 471 22.31 -14.13 12.91
CA ALA A 471 21.40 -14.66 11.87
C ALA A 471 21.07 -13.60 10.79
N VAL A 472 20.82 -12.35 11.19
CA VAL A 472 20.55 -11.23 10.27
C VAL A 472 21.80 -10.95 9.39
N LEU A 473 23.00 -10.83 10.01
CA LEU A 473 24.27 -10.66 9.29
C LEU A 473 24.57 -11.83 8.35
N ASP A 474 24.36 -13.09 8.80
CA ASP A 474 24.57 -14.30 7.99
C ASP A 474 23.61 -14.33 6.80
N PHE A 475 22.36 -13.90 7.02
CA PHE A 475 21.33 -13.82 5.99
C PHE A 475 21.72 -12.75 4.95
N CYS A 476 22.28 -11.61 5.38
CA CYS A 476 22.74 -10.54 4.49
C CYS A 476 23.84 -11.06 3.55
N ASP A 477 24.85 -11.78 4.11
CA ASP A 477 25.97 -12.39 3.36
C ASP A 477 25.47 -13.44 2.36
N ARG A 478 24.60 -14.35 2.83
CA ARG A 478 24.03 -15.45 2.07
C ARG A 478 23.21 -14.97 0.86
N SER A 479 22.45 -13.87 1.02
CA SER A 479 21.54 -13.26 0.04
C SER A 479 22.18 -12.18 -0.84
N GLY A 480 23.43 -11.84 -0.57
CA GLY A 480 24.11 -10.78 -1.30
C GLY A 480 23.59 -9.39 -0.99
N ILE A 481 22.99 -9.20 0.21
CA ILE A 481 22.49 -7.89 0.64
C ILE A 481 23.64 -7.15 1.33
N GLU A 482 24.07 -6.01 0.75
CA GLU A 482 25.17 -5.16 1.27
C GLU A 482 24.78 -4.43 2.58
N CYS A 483 24.60 -5.20 3.68
CA CYS A 483 24.24 -4.71 5.02
C CYS A 483 25.41 -3.99 5.76
N LYS A 484 25.59 -2.68 5.49
CA LYS A 484 26.62 -1.84 6.10
C LYS A 484 26.23 -1.51 7.55
N GLN A 485 27.06 -1.86 8.54
CA GLN A 485 26.71 -1.52 9.94
C GLN A 485 26.83 -0.03 10.21
N TYR A 486 25.91 0.47 11.03
CA TYR A 486 25.93 1.82 11.60
C TYR A 486 26.27 1.55 13.06
N LEU A 487 27.08 2.43 13.72
CA LEU A 487 27.61 2.19 15.09
C LEU A 487 28.34 0.80 15.06
N PRO A 488 29.25 0.58 14.08
CA PRO A 488 29.82 -0.76 13.90
C PRO A 488 30.73 -1.27 14.97
N HIS A 489 30.82 -2.57 15.06
CA HIS A 489 31.77 -3.21 15.94
C HIS A 489 32.27 -4.49 15.34
N TYR A 490 33.60 -4.60 15.27
CA TYR A 490 34.31 -5.76 14.76
C TYR A 490 35.48 -6.02 15.69
N THR A 491 35.78 -7.29 15.94
CA THR A 491 36.85 -7.67 16.87
C THR A 491 38.21 -7.78 16.14
N SER A 492 38.19 -7.92 14.80
CA SER A 492 39.40 -8.04 13.97
C SER A 492 39.47 -6.93 12.94
N GLN A 493 40.69 -6.60 12.48
CA GLN A 493 40.91 -5.58 11.45
C GLN A 493 40.30 -5.99 10.09
N ASP A 494 40.16 -7.30 9.80
CA ASP A 494 39.54 -7.81 8.56
C ASP A 494 38.07 -7.33 8.41
N GLY A 495 37.32 -7.33 9.52
CA GLY A 495 35.93 -6.86 9.54
C GLY A 495 35.84 -5.37 9.25
N TRP A 496 36.75 -4.58 9.85
CA TRP A 496 36.86 -3.14 9.68
C TRP A 496 37.25 -2.74 8.25
N ARG A 497 38.17 -3.49 7.63
CA ARG A 497 38.63 -3.30 6.23
C ARG A 497 37.43 -3.49 5.29
N ARG A 498 36.62 -4.53 5.53
CA ARG A 498 35.38 -4.80 4.78
C ARG A 498 34.36 -3.65 4.98
N HIS A 499 34.27 -3.09 6.21
CA HIS A 499 33.35 -2.00 6.56
C HIS A 499 33.73 -0.69 5.84
N PHE A 500 35.02 -0.32 5.87
CA PHE A 500 35.48 0.93 5.26
C PHE A 500 35.62 0.85 3.75
N GLY A 501 35.75 -0.36 3.20
CA GLY A 501 35.83 -0.62 1.76
C GLY A 501 36.88 0.20 1.04
N ALA A 502 36.44 0.99 0.02
CA ALA A 502 37.31 1.86 -0.80
C ALA A 502 37.93 3.01 0.01
N LYS A 503 37.42 3.26 1.22
CA LYS A 503 37.88 4.31 2.12
C LYS A 503 38.99 3.82 3.07
N TRP A 504 39.21 2.49 3.17
CA TRP A 504 40.18 1.91 4.12
C TRP A 504 41.60 2.52 4.03
N SER A 505 42.20 2.64 2.81
CA SER A 505 43.57 3.19 2.64
C SER A 505 43.65 4.64 3.16
N ARG A 506 42.61 5.46 2.89
CA ARG A 506 42.56 6.84 3.36
C ARG A 506 42.48 6.87 4.90
N ILE A 507 41.70 5.96 5.51
CA ILE A 507 41.54 5.84 6.98
C ILE A 507 42.87 5.48 7.66
N ALA A 508 43.56 4.46 7.13
CA ALA A 508 44.85 3.96 7.65
C ALA A 508 45.94 5.05 7.61
N GLU A 509 45.96 5.83 6.50
CA GLU A 509 46.89 6.93 6.27
C GLU A 509 46.61 8.05 7.29
N LEU A 510 45.32 8.39 7.48
CA LEU A 510 44.88 9.42 8.43
C LEU A 510 45.20 9.00 9.87
N LYS A 511 45.08 7.68 10.15
CA LYS A 511 45.40 7.11 11.46
C LYS A 511 46.89 7.27 11.76
N ALA A 512 47.77 6.91 10.79
CA ALA A 512 49.23 7.08 10.92
C ALA A 512 49.58 8.53 11.18
N ARG A 513 48.86 9.47 10.53
CA ARG A 513 49.08 10.90 10.68
C ARG A 513 48.63 11.46 12.04
N TYR A 514 47.41 11.14 12.47
CA TYR A 514 46.84 11.75 13.67
C TYR A 514 46.89 10.92 14.98
N ASP A 515 47.14 9.62 14.91
CA ASP A 515 47.30 8.76 16.10
C ASP A 515 48.31 7.65 15.76
N PRO A 516 49.60 8.02 15.48
CA PRO A 516 50.60 7.01 15.07
C PRO A 516 50.85 5.86 16.07
N ARG A 517 50.73 6.13 17.39
CA ARG A 517 50.92 5.09 18.40
C ARG A 517 49.62 4.34 18.76
N ALA A 518 48.50 4.62 18.02
CA ALA A 518 47.19 3.99 18.18
C ALA A 518 46.71 3.95 19.65
N LEU A 519 46.84 5.09 20.32
CA LEU A 519 46.46 5.26 21.71
C LEU A 519 44.97 5.43 21.91
N LEU A 520 44.30 6.14 20.99
CA LEU A 520 42.90 6.57 21.16
C LEU A 520 41.80 5.57 20.86
N SER A 521 40.79 5.55 21.77
CA SER A 521 39.58 4.73 21.73
C SER A 521 39.88 3.30 21.27
N PRO A 522 40.78 2.58 21.99
CA PRO A 522 41.16 1.22 21.57
C PRO A 522 40.02 0.18 21.61
N GLY A 523 38.94 0.50 22.32
CA GLY A 523 37.75 -0.33 22.44
C GLY A 523 37.04 -0.51 21.11
N GLN A 524 37.33 0.39 20.15
CA GLN A 524 36.83 0.32 18.77
C GLN A 524 37.45 -0.88 18.04
N ARG A 525 38.69 -1.31 18.45
CA ARG A 525 39.41 -2.49 17.96
C ARG A 525 39.72 -2.45 16.44
N ILE A 526 39.94 -1.24 15.90
CA ILE A 526 40.27 -1.02 14.50
C ILE A 526 41.79 -1.16 14.27
N PHE A 527 42.60 -0.55 15.15
CA PHE A 527 44.06 -0.55 15.04
C PHE A 527 44.71 -1.16 16.29
N PRO A 528 44.80 -2.50 16.39
CA PRO A 528 45.39 -3.11 17.59
C PRO A 528 46.91 -3.20 17.52
N GLY B 32 -53.65 4.61 -27.13
CA GLY B 32 -53.07 3.53 -27.91
C GLY B 32 -53.53 2.14 -27.51
N LEU B 33 -53.41 1.80 -26.21
CA LEU B 33 -53.78 0.51 -25.61
C LEU B 33 -55.27 0.15 -25.79
N PRO B 34 -55.63 -1.16 -25.88
CA PRO B 34 -57.06 -1.50 -26.07
C PRO B 34 -57.93 -0.99 -24.92
N GLY B 35 -59.11 -0.45 -25.25
CA GLY B 35 -60.08 0.06 -24.29
C GLY B 35 -60.51 -0.96 -23.24
N ASP B 36 -60.57 -2.24 -23.65
CA ASP B 36 -60.92 -3.41 -22.83
C ASP B 36 -59.96 -3.66 -21.67
N LEU B 37 -58.69 -3.21 -21.78
CA LEU B 37 -57.68 -3.34 -20.73
C LEU B 37 -58.11 -2.62 -19.44
N PHE B 38 -58.65 -1.40 -19.57
CA PHE B 38 -59.04 -0.48 -18.50
C PHE B 38 -60.25 -0.93 -17.69
N GLY B 39 -61.03 -1.85 -18.22
CA GLY B 39 -62.18 -2.39 -17.51
C GLY B 39 -61.83 -3.61 -16.68
N LEU B 40 -60.58 -4.11 -16.78
CA LEU B 40 -60.12 -5.32 -16.08
C LEU B 40 -59.35 -5.05 -14.78
N GLY B 41 -59.27 -6.09 -13.93
CA GLY B 41 -58.60 -6.07 -12.63
C GLY B 41 -57.15 -5.62 -12.67
N ILE B 42 -56.44 -5.98 -13.76
CA ILE B 42 -55.03 -5.65 -14.01
C ILE B 42 -54.81 -4.14 -14.24
N ALA B 43 -55.85 -3.40 -14.65
CA ALA B 43 -55.80 -1.95 -14.85
C ALA B 43 -55.61 -1.16 -13.53
N SER B 44 -55.93 -1.76 -12.36
CA SER B 44 -55.75 -1.16 -11.02
C SER B 44 -54.24 -0.98 -10.69
N ARG B 45 -53.38 -1.72 -11.41
CA ARG B 45 -51.92 -1.70 -11.25
C ARG B 45 -51.22 -0.98 -12.42
N ILE B 46 -52.03 -0.40 -13.33
CA ILE B 46 -51.60 0.36 -14.51
C ILE B 46 -51.62 1.88 -14.19
N ARG B 47 -50.55 2.61 -14.59
CA ARG B 47 -50.44 4.06 -14.48
C ARG B 47 -50.18 4.65 -15.89
N THR B 48 -51.01 5.60 -16.32
CA THR B 48 -50.88 6.20 -17.67
C THR B 48 -50.53 7.69 -17.62
N ASP B 49 -50.34 8.26 -16.42
CA ASP B 49 -50.00 9.67 -16.25
C ASP B 49 -48.56 9.95 -16.72
N SER B 50 -48.32 11.21 -17.14
CA SER B 50 -47.04 11.70 -17.69
C SER B 50 -45.84 11.48 -16.78
N ASN B 51 -46.01 11.65 -15.45
CA ASN B 51 -44.91 11.50 -14.48
C ASN B 51 -44.44 10.03 -14.45
N SER B 52 -45.40 9.09 -14.44
CA SER B 52 -45.17 7.65 -14.47
C SER B 52 -44.46 7.21 -15.75
N THR B 53 -45.03 7.56 -16.92
CA THR B 53 -44.49 7.16 -18.24
C THR B 53 -43.11 7.81 -18.55
N ALA B 54 -42.85 9.04 -18.06
CA ALA B 54 -41.56 9.72 -18.27
C ALA B 54 -40.41 9.00 -17.54
N LYS B 55 -40.69 8.39 -16.37
CA LYS B 55 -39.70 7.64 -15.58
C LYS B 55 -39.27 6.36 -16.31
N ALA B 56 -40.18 5.77 -17.10
CA ALA B 56 -39.95 4.56 -17.89
C ALA B 56 -39.53 4.88 -19.34
N ALA B 57 -39.30 6.18 -19.67
CA ALA B 57 -38.96 6.66 -21.01
C ALA B 57 -37.45 6.64 -21.34
N THR B 58 -36.60 6.67 -20.29
CA THR B 58 -35.16 6.71 -20.45
C THR B 58 -34.48 5.60 -19.66
N ASP B 59 -33.17 5.42 -19.89
CA ASP B 59 -32.36 4.40 -19.22
C ASP B 59 -31.00 4.98 -18.78
N PHE B 60 -30.11 4.12 -18.24
CA PHE B 60 -28.76 4.48 -17.81
C PHE B 60 -27.90 5.16 -18.91
N GLY B 61 -28.13 4.79 -20.17
CA GLY B 61 -27.40 5.35 -21.30
C GLY B 61 -27.62 6.81 -21.58
N GLN B 62 -28.84 7.32 -21.21
CA GLN B 62 -29.27 8.71 -21.37
C GLN B 62 -29.17 9.22 -22.83
N MET B 63 -29.41 8.34 -23.79
CA MET B 63 -29.33 8.72 -25.20
C MET B 63 -30.62 8.46 -25.96
N VAL B 64 -31.38 7.46 -25.52
CA VAL B 64 -32.64 7.05 -26.15
C VAL B 64 -33.81 7.44 -25.25
N ARG B 65 -34.80 8.16 -25.81
CA ARG B 65 -36.04 8.52 -25.11
C ARG B 65 -37.22 8.01 -25.92
N ALA B 66 -38.05 7.15 -25.28
CA ALA B 66 -39.25 6.56 -25.86
C ALA B 66 -40.20 6.14 -24.73
N ALA B 67 -41.16 7.02 -24.43
CA ALA B 67 -42.13 6.81 -23.37
C ALA B 67 -43.15 5.72 -23.71
N PRO B 68 -43.51 4.84 -22.75
CA PRO B 68 -44.54 3.84 -23.04
C PRO B 68 -45.94 4.46 -22.93
N GLU B 69 -46.98 3.68 -23.23
CA GLU B 69 -48.35 4.16 -23.07
C GLU B 69 -48.71 4.07 -21.60
N ALA B 70 -48.09 3.11 -20.87
CA ALA B 70 -48.35 2.90 -19.44
C ALA B 70 -47.24 2.16 -18.71
N VAL B 71 -47.27 2.23 -17.38
CA VAL B 71 -46.37 1.52 -16.46
C VAL B 71 -47.22 0.57 -15.61
N PHE B 72 -46.87 -0.72 -15.60
CA PHE B 72 -47.59 -1.72 -14.82
C PHE B 72 -46.79 -2.02 -13.60
N HIS B 73 -47.46 -2.01 -12.44
CA HIS B 73 -46.87 -2.25 -11.13
C HIS B 73 -47.45 -3.54 -10.57
N PRO B 74 -46.92 -4.71 -10.98
CA PRO B 74 -47.51 -5.99 -10.51
C PRO B 74 -47.29 -6.24 -9.02
N ALA B 75 -48.27 -6.84 -8.36
CA ALA B 75 -48.18 -7.18 -6.94
C ALA B 75 -47.44 -8.50 -6.81
N THR B 76 -47.73 -9.43 -7.75
CA THR B 76 -47.20 -10.80 -7.81
C THR B 76 -46.81 -11.13 -9.27
N PRO B 77 -46.02 -12.22 -9.53
CA PRO B 77 -45.71 -12.59 -10.92
C PRO B 77 -46.96 -13.02 -11.73
N ALA B 78 -48.04 -13.46 -11.04
CA ALA B 78 -49.32 -13.83 -11.65
C ALA B 78 -49.96 -12.63 -12.37
N ASP B 79 -49.71 -11.39 -11.87
CA ASP B 79 -50.21 -10.17 -12.51
C ASP B 79 -49.54 -9.94 -13.86
N ILE B 80 -48.21 -10.23 -13.97
CA ILE B 80 -47.44 -10.09 -15.21
C ILE B 80 -48.04 -11.05 -16.24
N ALA B 81 -48.28 -12.31 -15.83
CA ALA B 81 -48.89 -13.36 -16.66
C ALA B 81 -50.26 -12.92 -17.19
N ALA B 82 -51.08 -12.27 -16.34
CA ALA B 82 -52.40 -11.80 -16.75
C ALA B 82 -52.28 -10.67 -17.78
N LEU B 83 -51.28 -9.77 -17.62
CA LEU B 83 -51.03 -8.66 -18.54
C LEU B 83 -50.56 -9.17 -19.91
N VAL B 84 -49.59 -10.11 -19.91
CA VAL B 84 -49.02 -10.72 -21.12
C VAL B 84 -50.11 -11.55 -21.84
N ARG B 85 -50.88 -12.38 -21.11
CA ARG B 85 -51.98 -13.17 -21.69
C ARG B 85 -52.99 -12.24 -22.40
N PHE B 86 -53.38 -11.12 -21.76
CA PHE B 86 -54.32 -10.15 -22.33
C PHE B 86 -53.81 -9.56 -23.66
N SER B 87 -52.52 -9.15 -23.73
CA SER B 87 -51.97 -8.58 -24.96
C SER B 87 -51.91 -9.62 -26.07
N ALA B 88 -51.40 -10.82 -25.74
CA ALA B 88 -51.24 -11.96 -26.66
C ALA B 88 -52.55 -12.42 -27.30
N THR B 89 -53.69 -12.28 -26.58
CA THR B 89 -55.02 -12.71 -27.06
C THR B 89 -55.87 -11.55 -27.58
N SER B 90 -55.37 -10.31 -27.43
CA SER B 90 -56.01 -9.06 -27.85
C SER B 90 -56.07 -8.90 -29.38
N ALA B 91 -57.07 -8.11 -29.86
CA ALA B 91 -57.25 -7.79 -31.28
C ALA B 91 -56.15 -6.85 -31.76
N ALA B 92 -55.57 -6.06 -30.83
CA ALA B 92 -54.46 -5.13 -31.06
C ALA B 92 -53.35 -5.40 -30.01
N PRO B 93 -52.48 -6.41 -30.24
CA PRO B 93 -51.42 -6.72 -29.25
C PRO B 93 -50.38 -5.63 -29.10
N PHE B 94 -50.09 -5.25 -27.86
CA PHE B 94 -49.14 -4.20 -27.52
C PHE B 94 -47.87 -4.77 -26.90
N PRO B 95 -46.70 -4.11 -27.12
CA PRO B 95 -45.46 -4.63 -26.53
C PRO B 95 -45.42 -4.51 -25.00
N VAL B 96 -44.72 -5.48 -24.36
CA VAL B 96 -44.53 -5.55 -22.91
C VAL B 96 -43.01 -5.64 -22.61
N ALA B 97 -42.47 -4.68 -21.85
CA ALA B 97 -41.05 -4.70 -21.49
C ALA B 97 -40.82 -4.71 -19.99
N PRO B 98 -40.28 -5.81 -19.42
CA PRO B 98 -39.92 -5.76 -17.99
C PRO B 98 -38.74 -4.79 -17.82
N ARG B 99 -38.81 -3.95 -16.79
CA ARG B 99 -37.72 -3.04 -16.46
C ARG B 99 -37.20 -3.37 -15.08
N GLY B 100 -35.92 -3.66 -15.01
CA GLY B 100 -35.23 -3.92 -13.75
C GLY B 100 -34.77 -2.59 -13.19
N GLN B 101 -33.45 -2.37 -13.21
CA GLN B 101 -32.87 -1.10 -12.75
C GLN B 101 -32.64 -0.09 -13.88
N GLY B 102 -33.00 -0.47 -15.12
CA GLY B 102 -32.79 0.39 -16.29
C GLY B 102 -31.33 0.58 -16.65
N HIS B 103 -30.47 -0.39 -16.27
CA HIS B 103 -29.01 -0.35 -16.50
C HIS B 103 -28.63 -0.87 -17.88
N SER B 104 -29.35 -0.36 -18.88
CA SER B 104 -29.23 -0.61 -20.31
C SER B 104 -28.92 0.76 -20.88
N TRP B 105 -28.33 0.81 -22.06
CA TRP B 105 -27.97 2.11 -22.63
C TRP B 105 -28.43 2.26 -24.07
N ARG B 106 -29.10 1.24 -24.64
CA ARG B 106 -29.59 1.29 -26.03
C ARG B 106 -31.13 1.20 -26.15
N GLY B 107 -31.82 1.57 -25.07
CA GLY B 107 -33.28 1.56 -25.00
C GLY B 107 -33.93 0.20 -24.94
N GLN B 108 -33.19 -0.85 -24.50
CA GLN B 108 -33.64 -2.24 -24.40
C GLN B 108 -34.84 -2.49 -23.50
N ALA B 109 -35.02 -1.68 -22.44
CA ALA B 109 -36.12 -1.81 -21.48
C ALA B 109 -37.32 -0.90 -21.82
N LEU B 110 -37.26 -0.22 -22.97
CA LEU B 110 -38.32 0.69 -23.37
C LEU B 110 -39.43 0.01 -24.20
N ALA B 111 -40.67 0.46 -24.00
CA ALA B 111 -41.84 -0.08 -24.70
C ALA B 111 -42.76 1.00 -25.32
N PRO B 112 -42.26 1.80 -26.31
CA PRO B 112 -43.14 2.78 -26.98
C PRO B 112 -44.32 2.06 -27.65
N GLY B 113 -45.53 2.58 -27.42
CA GLY B 113 -46.77 1.99 -27.94
C GLY B 113 -47.29 0.84 -27.08
N GLY B 114 -46.59 0.55 -25.99
CA GLY B 114 -46.92 -0.54 -25.08
C GLY B 114 -46.74 -0.24 -23.61
N VAL B 115 -46.48 -1.29 -22.82
CA VAL B 115 -46.39 -1.20 -21.36
C VAL B 115 -45.03 -1.63 -20.79
N VAL B 116 -44.49 -0.79 -19.90
CA VAL B 116 -43.27 -1.10 -19.16
C VAL B 116 -43.71 -1.71 -17.83
N VAL B 117 -43.19 -2.91 -17.51
CA VAL B 117 -43.48 -3.60 -16.26
C VAL B 117 -42.39 -3.19 -15.27
N ASP B 118 -42.79 -2.43 -14.20
CA ASP B 118 -41.87 -2.04 -13.14
C ASP B 118 -41.68 -3.31 -12.31
N MET B 119 -40.56 -4.04 -12.54
CA MET B 119 -40.26 -5.32 -11.86
C MET B 119 -40.17 -5.15 -10.33
N GLY B 120 -39.60 -4.01 -9.89
CA GLY B 120 -39.45 -3.65 -8.47
C GLY B 120 -40.72 -3.73 -7.65
N SER B 121 -41.89 -3.58 -8.29
CA SER B 121 -43.18 -3.70 -7.60
C SER B 121 -43.41 -5.10 -7.00
N LEU B 122 -42.75 -6.13 -7.55
CA LEU B 122 -42.83 -7.51 -7.06
C LEU B 122 -42.13 -7.69 -5.72
N GLY B 123 -41.32 -6.70 -5.31
CA GLY B 123 -40.57 -6.73 -4.06
C GLY B 123 -41.41 -6.53 -2.81
N ARG B 124 -42.43 -7.37 -2.61
CA ARG B 124 -43.36 -7.33 -1.46
C ARG B 124 -43.22 -8.63 -0.68
N GLY B 125 -42.99 -8.51 0.63
CA GLY B 125 -42.82 -9.66 1.50
C GLY B 125 -41.54 -10.42 1.20
N PRO B 126 -41.43 -11.69 1.67
CA PRO B 126 -40.19 -12.46 1.40
C PRO B 126 -39.98 -12.76 -0.08
N ARG B 127 -38.95 -12.17 -0.67
CA ARG B 127 -38.64 -12.38 -2.09
C ARG B 127 -37.26 -13.02 -2.28
N ILE B 128 -36.61 -13.40 -1.16
CA ILE B 128 -35.33 -14.07 -1.11
C ILE B 128 -35.41 -15.18 -0.08
N ASN B 129 -35.30 -16.44 -0.52
CA ASN B 129 -35.39 -17.59 0.37
C ASN B 129 -34.17 -18.49 0.26
N VAL B 130 -33.49 -18.69 1.40
CA VAL B 130 -32.28 -19.52 1.48
C VAL B 130 -32.62 -20.92 2.01
N SER B 131 -32.07 -21.96 1.35
CA SER B 131 -32.19 -23.36 1.75
C SER B 131 -30.78 -23.89 2.06
N ALA B 132 -30.58 -24.44 3.28
CA ALA B 132 -29.27 -24.95 3.72
C ALA B 132 -29.37 -26.23 4.59
N ALA B 133 -29.79 -27.36 3.96
CA ALA B 133 -29.95 -28.72 4.52
C ALA B 133 -30.30 -28.79 6.01
N ALA B 136 -27.33 -31.91 1.83
CA ALA B 136 -27.90 -31.35 0.59
C ALA B 136 -27.16 -30.11 0.08
N GLU B 137 -27.30 -29.82 -1.22
CA GLU B 137 -26.68 -28.67 -1.88
C GLU B 137 -27.44 -27.38 -1.48
N PRO B 138 -26.75 -26.34 -0.96
CA PRO B 138 -27.48 -25.12 -0.58
C PRO B 138 -27.77 -24.23 -1.78
N PHE B 139 -28.96 -23.60 -1.79
CA PHE B 139 -29.33 -22.71 -2.89
C PHE B 139 -30.08 -21.49 -2.41
N VAL B 140 -30.22 -20.47 -3.27
CA VAL B 140 -31.01 -19.29 -2.93
C VAL B 140 -32.11 -19.05 -3.99
N ASP B 141 -33.36 -18.98 -3.53
CA ASP B 141 -34.50 -18.66 -4.39
C ASP B 141 -34.68 -17.16 -4.34
N ALA B 142 -34.56 -16.50 -5.48
CA ALA B 142 -34.68 -15.05 -5.52
C ALA B 142 -35.59 -14.58 -6.63
N GLY B 143 -36.43 -13.58 -6.29
CA GLY B 143 -37.31 -12.91 -7.24
C GLY B 143 -36.48 -12.28 -8.34
N GLY B 144 -37.00 -12.29 -9.58
CA GLY B 144 -36.33 -11.72 -10.75
C GLY B 144 -35.97 -10.24 -10.63
N GLU B 145 -36.72 -9.51 -9.79
CA GLU B 145 -36.58 -8.07 -9.54
C GLU B 145 -35.54 -7.76 -8.44
N GLN B 146 -35.17 -8.77 -7.63
CA GLN B 146 -34.22 -8.63 -6.53
C GLN B 146 -32.83 -8.19 -6.98
N LEU B 147 -32.24 -7.25 -6.24
CA LEU B 147 -30.87 -6.79 -6.50
C LEU B 147 -29.91 -7.81 -5.96
N TRP B 148 -28.80 -8.02 -6.67
CA TRP B 148 -27.73 -8.94 -6.27
C TRP B 148 -27.14 -8.58 -4.88
N VAL B 149 -27.07 -7.27 -4.55
CA VAL B 149 -26.62 -6.78 -3.24
C VAL B 149 -27.55 -7.33 -2.11
N ASP B 150 -28.88 -7.37 -2.37
CA ASP B 150 -29.86 -7.90 -1.43
C ASP B 150 -29.81 -9.42 -1.33
N VAL B 151 -29.47 -10.10 -2.45
CA VAL B 151 -29.30 -11.55 -2.46
C VAL B 151 -28.09 -11.87 -1.53
N LEU B 152 -27.00 -11.08 -1.66
CA LEU B 152 -25.78 -11.17 -0.88
C LEU B 152 -26.04 -11.01 0.63
N ARG B 153 -26.79 -9.98 1.04
CA ARG B 153 -27.19 -9.69 2.43
C ARG B 153 -27.90 -10.89 3.07
N ALA B 154 -28.81 -11.55 2.31
CA ALA B 154 -29.60 -12.68 2.79
C ALA B 154 -28.77 -13.97 2.92
N THR B 155 -27.93 -14.28 1.92
CA THR B 155 -27.15 -15.52 1.97
C THR B 155 -26.04 -15.47 3.01
N LEU B 156 -25.44 -14.28 3.23
CA LEU B 156 -24.37 -14.11 4.23
C LEU B 156 -24.84 -14.39 5.66
N ARG B 157 -26.14 -14.19 5.96
CA ARG B 157 -26.70 -14.49 7.27
C ARG B 157 -26.54 -15.99 7.58
N HIS B 158 -26.54 -16.84 6.52
CA HIS B 158 -26.31 -18.29 6.57
C HIS B 158 -24.86 -18.66 6.22
N GLY B 159 -24.00 -17.67 6.03
CA GLY B 159 -22.59 -17.85 5.71
C GLY B 159 -22.34 -18.45 4.33
N LEU B 160 -23.21 -18.11 3.39
CA LEU B 160 -23.17 -18.61 2.02
C LEU B 160 -23.21 -17.41 1.09
N ALA B 161 -22.83 -17.64 -0.17
CA ALA B 161 -22.87 -16.63 -1.24
C ALA B 161 -22.91 -17.25 -2.61
N PRO B 162 -23.58 -16.58 -3.59
CA PRO B 162 -23.47 -17.01 -5.00
C PRO B 162 -21.98 -16.96 -5.40
N ARG B 163 -21.60 -17.72 -6.43
CA ARG B 163 -20.20 -17.85 -6.84
C ARG B 163 -19.70 -16.81 -7.82
N VAL B 164 -20.60 -16.27 -8.65
CA VAL B 164 -20.23 -15.34 -9.72
C VAL B 164 -21.00 -14.04 -9.61
N TRP B 165 -20.27 -12.93 -9.72
CA TRP B 165 -20.81 -11.60 -9.55
C TRP B 165 -20.45 -10.67 -10.68
N THR B 166 -21.39 -9.78 -11.00
CA THR B 166 -21.11 -8.68 -11.90
C THR B 166 -20.33 -7.67 -10.98
N ASP B 167 -19.67 -6.68 -11.60
CA ASP B 167 -18.91 -5.64 -10.88
C ASP B 167 -19.82 -4.72 -10.11
N TYR B 168 -21.09 -4.60 -10.54
CA TYR B 168 -22.05 -3.68 -9.94
C TYR B 168 -23.18 -4.50 -9.34
N LEU B 169 -23.35 -4.40 -8.01
CA LEU B 169 -24.33 -5.21 -7.30
C LEU B 169 -25.76 -4.67 -7.32
N ARG B 170 -25.98 -3.44 -7.84
N ARG B 170 -25.99 -3.46 -7.86
CA ARG B 170 -27.31 -2.83 -7.90
CA ARG B 170 -27.33 -2.86 -7.92
C ARG B 170 -28.00 -3.08 -9.26
C ARG B 170 -27.99 -3.09 -9.28
N LEU B 171 -28.03 -4.36 -9.70
CA LEU B 171 -28.64 -4.85 -10.93
C LEU B 171 -29.60 -5.97 -10.53
N THR B 172 -30.71 -6.14 -11.27
CA THR B 172 -31.64 -7.22 -10.92
C THR B 172 -31.12 -8.59 -11.33
N VAL B 173 -31.58 -9.60 -10.60
CA VAL B 173 -31.34 -11.03 -10.85
C VAL B 173 -31.77 -11.39 -12.30
N GLY B 174 -33.00 -11.02 -12.69
CA GLY B 174 -33.55 -11.27 -14.02
C GLY B 174 -32.86 -10.47 -15.12
N GLY B 175 -32.41 -9.26 -14.79
CA GLY B 175 -31.70 -8.40 -15.73
C GLY B 175 -30.34 -8.97 -16.16
N THR B 176 -29.51 -9.42 -15.22
CA THR B 176 -28.18 -9.97 -15.54
C THR B 176 -28.28 -11.37 -16.20
N LEU B 177 -29.27 -12.20 -15.75
CA LEU B 177 -29.50 -13.55 -16.29
C LEU B 177 -30.05 -13.53 -17.71
N SER B 178 -30.64 -12.38 -18.12
CA SER B 178 -31.12 -12.19 -19.49
C SER B 178 -29.91 -11.89 -20.41
N ASN B 179 -28.72 -11.65 -19.83
CA ASN B 179 -27.52 -11.42 -20.65
C ASN B 179 -26.50 -12.53 -20.56
N ALA B 180 -26.04 -12.83 -19.35
CA ALA B 180 -25.08 -13.88 -18.96
C ALA B 180 -24.62 -13.62 -17.55
N GLY B 181 -24.21 -12.38 -17.29
CA GLY B 181 -23.69 -11.94 -16.00
C GLY B 181 -22.24 -12.33 -15.86
N ILE B 182 -21.33 -11.50 -16.39
CA ILE B 182 -19.91 -11.78 -16.32
C ILE B 182 -19.23 -10.93 -15.24
N GLY B 183 -18.16 -11.48 -14.69
CA GLY B 183 -17.34 -10.87 -13.66
C GLY B 183 -16.07 -11.67 -13.49
N GLY B 184 -15.27 -11.25 -12.51
CA GLY B 184 -13.95 -11.81 -12.22
C GLY B 184 -13.88 -13.25 -11.80
N GLN B 185 -15.02 -13.86 -11.44
CA GLN B 185 -15.04 -15.29 -11.04
C GLN B 185 -15.53 -16.19 -12.19
N ALA B 186 -15.95 -15.58 -13.31
CA ALA B 186 -16.49 -16.32 -14.47
C ALA B 186 -15.49 -17.28 -15.15
N PHE B 187 -14.18 -16.99 -15.09
CA PHE B 187 -13.15 -17.87 -15.67
C PHE B 187 -13.19 -19.26 -15.01
N ARG B 188 -13.57 -19.30 -13.73
CA ARG B 188 -13.60 -20.53 -12.92
C ARG B 188 -14.97 -21.21 -12.92
N HIS B 189 -16.05 -20.44 -12.68
CA HIS B 189 -17.39 -21.02 -12.56
C HIS B 189 -18.36 -20.75 -13.70
N GLY B 190 -17.88 -20.07 -14.75
CA GLY B 190 -18.71 -19.65 -15.86
C GLY B 190 -19.49 -18.38 -15.56
N PRO B 191 -20.32 -17.89 -16.50
CA PRO B 191 -21.14 -16.70 -16.20
C PRO B 191 -22.23 -17.01 -15.17
N GLN B 192 -22.94 -15.98 -14.71
CA GLN B 192 -24.04 -16.19 -13.75
C GLN B 192 -25.12 -17.18 -14.31
N ILE B 193 -25.31 -17.22 -15.65
CA ILE B 193 -26.29 -18.13 -16.28
C ILE B 193 -25.87 -19.62 -16.15
N ALA B 194 -24.57 -19.88 -15.84
CA ALA B 194 -24.02 -21.23 -15.64
C ALA B 194 -24.13 -21.62 -14.16
N ASN B 195 -24.68 -20.73 -13.33
CA ASN B 195 -24.82 -20.92 -11.89
C ASN B 195 -26.28 -20.80 -11.44
N VAL B 196 -27.19 -21.28 -12.30
CA VAL B 196 -28.65 -21.28 -12.06
C VAL B 196 -29.19 -22.71 -12.09
N HIS B 197 -29.95 -23.13 -11.06
CA HIS B 197 -30.56 -24.46 -10.96
C HIS B 197 -31.92 -24.47 -11.67
N GLU B 198 -32.71 -23.40 -11.50
CA GLU B 198 -34.04 -23.28 -12.11
C GLU B 198 -34.52 -21.82 -12.19
N LEU B 199 -35.53 -21.59 -13.05
CA LEU B 199 -36.21 -20.31 -13.28
C LEU B 199 -37.71 -20.46 -13.31
N ASP B 200 -38.40 -19.39 -12.88
CA ASP B 200 -39.84 -19.25 -13.09
C ASP B 200 -39.86 -18.20 -14.19
N VAL B 201 -40.55 -18.52 -15.28
CA VAL B 201 -40.62 -17.65 -16.45
C VAL B 201 -42.09 -17.44 -16.85
N VAL B 202 -42.45 -16.17 -17.14
CA VAL B 202 -43.76 -15.83 -17.68
C VAL B 202 -43.48 -15.70 -19.19
N THR B 203 -43.92 -16.69 -20.02
CA THR B 203 -43.73 -16.69 -21.47
C THR B 203 -44.51 -15.54 -22.16
N GLY B 204 -44.21 -15.30 -23.43
CA GLY B 204 -44.88 -14.31 -24.28
C GLY B 204 -46.32 -14.68 -24.61
N THR B 205 -46.79 -15.87 -24.15
CA THR B 205 -48.19 -16.33 -24.32
C THR B 205 -48.97 -16.08 -22.99
N GLY B 206 -48.25 -15.64 -21.96
CA GLY B 206 -48.81 -15.36 -20.63
C GLY B 206 -48.79 -16.56 -19.70
N GLU B 207 -48.08 -17.64 -20.08
CA GLU B 207 -47.98 -18.87 -19.30
C GLU B 207 -46.85 -18.82 -18.24
N MET B 208 -47.17 -19.21 -16.98
N MET B 208 -47.16 -19.24 -17.00
CA MET B 208 -46.16 -19.28 -15.91
CA MET B 208 -46.21 -19.31 -15.88
C MET B 208 -45.57 -20.69 -15.94
C MET B 208 -45.58 -20.70 -15.89
N VAL B 209 -44.27 -20.77 -16.22
CA VAL B 209 -43.54 -22.04 -16.36
C VAL B 209 -42.32 -22.11 -15.42
N THR B 210 -42.17 -23.24 -14.69
CA THR B 210 -40.97 -23.51 -13.90
C THR B 210 -40.07 -24.38 -14.80
N CYS B 211 -38.82 -23.97 -14.99
CA CYS B 211 -37.91 -24.68 -15.88
C CYS B 211 -36.52 -24.87 -15.30
N SER B 212 -35.85 -25.96 -15.70
CA SER B 212 -34.52 -26.35 -15.26
C SER B 212 -33.89 -27.17 -16.39
N MET B 213 -32.73 -27.78 -16.13
CA MET B 213 -32.03 -28.68 -17.06
C MET B 213 -32.84 -29.95 -17.36
N ASP B 214 -33.72 -30.39 -16.42
CA ASP B 214 -34.48 -31.62 -16.58
C ASP B 214 -35.99 -31.44 -16.92
N VAL B 215 -36.57 -30.26 -16.63
CA VAL B 215 -38.00 -29.99 -16.90
C VAL B 215 -38.07 -28.71 -17.72
N ASN B 216 -38.81 -28.72 -18.85
CA ASN B 216 -38.98 -27.54 -19.74
C ASN B 216 -37.61 -26.93 -20.11
N SER B 217 -36.60 -27.80 -20.32
CA SER B 217 -35.19 -27.45 -20.59
C SER B 217 -34.98 -26.57 -21.83
N ASP B 218 -35.88 -26.63 -22.84
CA ASP B 218 -35.79 -25.78 -24.03
C ASP B 218 -36.04 -24.31 -23.68
N LEU B 219 -37.03 -24.05 -22.77
CA LEU B 219 -37.30 -22.69 -22.29
C LEU B 219 -36.15 -22.22 -21.36
N PHE B 220 -35.67 -23.12 -20.47
CA PHE B 220 -34.58 -22.82 -19.53
C PHE B 220 -33.34 -22.34 -20.27
N MET B 221 -32.95 -23.07 -21.33
CA MET B 221 -31.79 -22.75 -22.16
C MET B 221 -31.98 -21.44 -22.97
N ALA B 222 -33.19 -21.20 -23.52
CA ALA B 222 -33.52 -20.00 -24.28
C ALA B 222 -33.46 -18.71 -23.41
N ALA B 223 -34.06 -18.76 -22.20
CA ALA B 223 -34.15 -17.61 -21.30
C ALA B 223 -32.78 -17.12 -20.77
N LEU B 224 -31.84 -18.05 -20.50
CA LEU B 224 -30.49 -17.73 -20.01
C LEU B 224 -29.67 -17.10 -21.12
N GLY B 225 -29.44 -15.78 -20.99
CA GLY B 225 -28.80 -14.96 -22.01
C GLY B 225 -29.78 -14.63 -23.13
N GLY B 226 -31.06 -14.84 -22.84
CA GLY B 226 -32.17 -14.68 -23.77
C GLY B 226 -32.62 -13.28 -24.13
N LEU B 227 -32.08 -12.23 -23.47
CA LEU B 227 -32.42 -10.81 -23.74
C LEU B 227 -33.94 -10.53 -23.59
N GLY B 228 -34.57 -11.27 -22.69
CA GLY B 228 -36.01 -11.21 -22.41
C GLY B 228 -36.91 -11.61 -23.57
N GLN B 229 -36.38 -12.31 -24.59
CA GLN B 229 -37.17 -12.69 -25.78
C GLN B 229 -38.13 -13.86 -25.62
N PHE B 230 -37.95 -14.69 -24.59
CA PHE B 230 -38.79 -15.89 -24.45
C PHE B 230 -39.75 -15.85 -23.23
N GLY B 231 -39.55 -14.84 -22.40
CA GLY B 231 -40.34 -14.66 -21.20
C GLY B 231 -39.65 -13.82 -20.14
N VAL B 232 -40.43 -13.42 -19.13
CA VAL B 232 -39.94 -12.61 -18.03
C VAL B 232 -39.50 -13.56 -16.90
N ILE B 233 -38.22 -13.48 -16.48
CA ILE B 233 -37.74 -14.28 -15.34
C ILE B 233 -38.35 -13.65 -14.06
N THR B 234 -39.12 -14.42 -13.29
CA THR B 234 -39.75 -13.91 -12.07
C THR B 234 -39.11 -14.53 -10.84
N ARG B 235 -38.37 -15.62 -11.04
CA ARG B 235 -37.60 -16.30 -9.99
C ARG B 235 -36.36 -17.00 -10.57
N ALA B 236 -35.26 -16.98 -9.81
CA ALA B 236 -34.06 -17.74 -10.14
C ALA B 236 -33.57 -18.48 -8.90
N ARG B 237 -33.28 -19.77 -9.07
CA ARG B 237 -32.70 -20.58 -8.02
C ARG B 237 -31.19 -20.55 -8.27
N ILE B 238 -30.46 -19.80 -7.43
CA ILE B 238 -29.03 -19.55 -7.59
C ILE B 238 -28.18 -20.48 -6.72
N ARG B 239 -27.13 -21.03 -7.35
CA ARG B 239 -26.11 -21.89 -6.77
C ARG B 239 -25.32 -21.12 -5.68
N LEU B 240 -25.06 -21.78 -4.54
CA LEU B 240 -24.32 -21.17 -3.42
C LEU B 240 -23.11 -21.98 -3.06
N GLU B 241 -22.15 -21.33 -2.39
CA GLU B 241 -20.94 -21.93 -1.87
C GLU B 241 -20.62 -21.28 -0.50
N PRO B 242 -19.77 -21.89 0.39
CA PRO B 242 -19.42 -21.22 1.66
C PRO B 242 -18.80 -19.84 1.39
N ALA B 243 -19.27 -18.83 2.13
CA ALA B 243 -18.83 -17.45 1.95
C ALA B 243 -17.49 -17.13 2.59
N PRO B 244 -16.59 -16.46 1.86
CA PRO B 244 -15.34 -16.00 2.46
C PRO B 244 -15.58 -14.88 3.48
N LYS B 245 -14.61 -14.65 4.35
CA LYS B 245 -14.66 -13.59 5.36
C LYS B 245 -13.98 -12.33 4.83
N ARG B 246 -12.77 -12.47 4.28
CA ARG B 246 -11.97 -11.35 3.79
C ARG B 246 -11.35 -11.62 2.42
N VAL B 247 -10.85 -10.54 1.77
CA VAL B 247 -10.22 -10.61 0.45
C VAL B 247 -8.89 -9.85 0.43
N ARG B 248 -7.83 -10.51 -0.11
CA ARG B 248 -6.56 -9.85 -0.38
C ARG B 248 -6.68 -9.39 -1.84
N TRP B 249 -6.82 -8.08 -2.03
CA TRP B 249 -7.12 -7.46 -3.32
C TRP B 249 -5.90 -6.74 -3.89
N VAL B 250 -5.46 -7.14 -5.10
CA VAL B 250 -4.28 -6.55 -5.75
C VAL B 250 -4.53 -5.99 -7.15
N ARG B 251 -3.75 -4.96 -7.51
CA ARG B 251 -3.66 -4.36 -8.85
C ARG B 251 -2.20 -4.35 -9.25
N LEU B 252 -1.88 -4.95 -10.41
CA LEU B 252 -0.50 -5.11 -10.90
C LEU B 252 -0.35 -4.41 -12.23
N ALA B 253 0.60 -3.47 -12.29
CA ALA B 253 0.81 -2.66 -13.48
C ALA B 253 1.81 -3.25 -14.49
N TYR B 254 1.44 -3.13 -15.79
CA TYR B 254 2.20 -3.60 -16.96
C TYR B 254 2.20 -2.50 -18.03
N THR B 255 3.31 -2.43 -18.77
CA THR B 255 3.47 -1.54 -19.93
C THR B 255 3.42 -2.38 -21.21
N ASP B 256 3.83 -3.67 -21.13
CA ASP B 256 3.88 -4.60 -22.26
C ASP B 256 2.59 -5.45 -22.29
N VAL B 257 1.77 -5.29 -23.35
CA VAL B 257 0.50 -5.99 -23.50
C VAL B 257 0.72 -7.53 -23.59
N ALA B 258 1.78 -7.99 -24.29
CA ALA B 258 2.08 -9.42 -24.42
C ALA B 258 2.40 -10.08 -23.06
N THR B 259 3.07 -9.37 -22.15
CA THR B 259 3.37 -9.87 -20.82
C THR B 259 2.08 -9.88 -19.97
N PHE B 260 1.28 -8.80 -20.05
CA PHE B 260 0.00 -8.62 -19.36
C PHE B 260 -0.97 -9.75 -19.73
N THR B 261 -1.11 -10.04 -21.04
CA THR B 261 -2.02 -11.09 -21.51
C THR B 261 -1.52 -12.48 -21.13
N LYS B 262 -0.21 -12.73 -21.26
CA LYS B 262 0.43 -14.00 -20.85
C LYS B 262 0.13 -14.27 -19.37
N ASP B 263 0.33 -13.25 -18.48
CA ASP B 263 0.05 -13.39 -17.06
C ASP B 263 -1.42 -13.60 -16.78
N GLN B 264 -2.34 -12.89 -17.48
CA GLN B 264 -3.79 -13.12 -17.26
C GLN B 264 -4.16 -14.55 -17.63
N GLU B 265 -3.64 -15.05 -18.78
CA GLU B 265 -3.91 -16.41 -19.27
C GLU B 265 -3.38 -17.46 -18.32
N PHE B 266 -2.18 -17.21 -17.71
CA PHE B 266 -1.59 -18.09 -16.70
C PHE B 266 -2.53 -18.14 -15.47
N LEU B 267 -3.04 -16.98 -15.03
CA LEU B 267 -3.89 -16.84 -13.86
C LEU B 267 -5.27 -17.52 -13.98
N ILE B 268 -5.83 -17.60 -15.19
CA ILE B 268 -7.15 -18.24 -15.42
C ILE B 268 -7.02 -19.74 -15.80
N SER B 269 -5.78 -20.27 -15.90
CA SER B 269 -5.59 -21.69 -16.24
C SER B 269 -5.66 -22.59 -15.00
N ASN B 270 -5.98 -23.88 -15.21
CA ASN B 270 -6.17 -24.90 -14.18
C ASN B 270 -5.00 -25.09 -13.21
N ARG B 271 -3.76 -24.98 -13.73
CA ARG B 271 -2.48 -25.10 -13.00
C ARG B 271 -2.34 -24.03 -11.92
N GLN B 274 -5.87 -23.74 -8.83
CA GLN B 274 -5.63 -24.55 -7.64
C GLN B 274 -5.38 -23.65 -6.41
N VAL B 275 -4.28 -22.87 -6.43
CA VAL B 275 -3.86 -21.97 -5.34
C VAL B 275 -3.60 -20.52 -5.85
N GLY B 276 -4.40 -20.11 -6.84
CA GLY B 276 -4.34 -18.79 -7.43
C GLY B 276 -5.43 -17.87 -6.91
N PHE B 277 -5.78 -16.88 -7.73
CA PHE B 277 -6.84 -15.92 -7.43
C PHE B 277 -8.21 -16.55 -7.62
N ASP B 278 -9.20 -16.07 -6.87
CA ASP B 278 -10.61 -16.46 -6.98
C ASP B 278 -11.31 -15.48 -7.94
N TYR B 279 -10.67 -14.32 -8.15
CA TYR B 279 -11.14 -13.24 -9.01
C TYR B 279 -9.98 -12.76 -9.88
N VAL B 280 -10.23 -12.64 -11.20
CA VAL B 280 -9.26 -12.14 -12.18
C VAL B 280 -9.94 -11.20 -13.16
N GLU B 281 -9.53 -9.92 -13.12
CA GLU B 281 -9.98 -8.89 -14.05
C GLU B 281 -8.76 -8.12 -14.55
N GLY B 282 -9.03 -7.11 -15.35
CA GLY B 282 -8.01 -6.26 -15.91
C GLY B 282 -8.60 -4.98 -16.41
N GLN B 283 -7.74 -3.97 -16.51
CA GLN B 283 -8.09 -2.63 -16.98
C GLN B 283 -7.03 -2.10 -17.92
N VAL B 284 -7.48 -1.29 -18.89
CA VAL B 284 -6.59 -0.62 -19.83
C VAL B 284 -6.76 0.87 -19.56
N GLN B 285 -5.65 1.54 -19.27
CA GLN B 285 -5.66 2.97 -19.03
C GLN B 285 -4.85 3.70 -20.10
N LEU B 286 -5.55 4.53 -20.89
CA LEU B 286 -4.90 5.32 -21.94
C LEU B 286 -4.11 6.45 -21.30
N ASN B 287 -3.04 6.87 -21.97
CA ASN B 287 -2.16 7.93 -21.50
C ASN B 287 -2.88 9.26 -21.22
N ARG B 288 -3.68 9.77 -22.18
CA ARG B 288 -4.37 11.04 -21.97
C ARG B 288 -5.52 10.92 -20.95
N SER B 289 -6.11 9.70 -20.81
CA SER B 289 -7.14 9.45 -19.79
C SER B 289 -6.55 9.53 -18.38
N LEU B 290 -5.30 9.06 -18.20
CA LEU B 290 -4.59 9.11 -16.93
C LEU B 290 -4.07 10.53 -16.60
N VAL B 291 -3.39 11.18 -17.55
CA VAL B 291 -2.75 12.51 -17.40
C VAL B 291 -3.81 13.62 -17.16
N GLU B 292 -4.98 13.59 -17.83
CA GLU B 292 -6.00 14.62 -17.63
C GLU B 292 -7.26 14.11 -16.88
N GLY B 293 -7.14 12.94 -16.24
CA GLY B 293 -8.23 12.34 -15.46
C GLY B 293 -8.27 12.80 -14.02
N PRO B 294 -8.96 12.06 -13.10
CA PRO B 294 -9.01 12.49 -11.68
C PRO B 294 -7.64 12.51 -10.99
N LYS B 295 -7.50 13.36 -9.96
CA LYS B 295 -6.26 13.52 -9.20
C LYS B 295 -6.02 12.36 -8.21
N SER B 296 -7.04 11.51 -8.00
CA SER B 296 -7.04 10.31 -7.14
C SER B 296 -8.29 9.51 -7.47
N THR B 297 -8.34 8.23 -7.08
CA THR B 297 -9.50 7.34 -7.27
C THR B 297 -9.71 6.59 -5.96
N PRO B 298 -10.89 5.95 -5.72
CA PRO B 298 -11.08 5.14 -4.50
C PRO B 298 -9.97 4.09 -4.27
N PHE B 299 -9.43 3.47 -5.37
CA PHE B 299 -8.34 2.49 -5.22
C PHE B 299 -6.96 3.18 -5.09
N PHE B 300 -6.62 4.10 -6.02
CA PHE B 300 -5.31 4.78 -6.09
C PHE B 300 -5.22 6.19 -5.49
N SER B 301 -4.19 6.40 -4.67
CA SER B 301 -3.86 7.70 -4.09
C SER B 301 -3.25 8.61 -5.19
N GLY B 302 -3.21 9.93 -4.93
CA GLY B 302 -2.62 10.91 -5.83
C GLY B 302 -1.15 10.61 -6.11
N ALA B 303 -0.45 10.06 -5.10
CA ALA B 303 0.95 9.64 -5.17
C ALA B 303 1.08 8.43 -6.10
N ASP B 304 0.17 7.42 -5.97
CA ASP B 304 0.11 6.21 -6.81
C ASP B 304 -0.02 6.60 -8.27
N LEU B 305 -0.97 7.54 -8.58
CA LEU B 305 -1.24 8.02 -9.95
C LEU B 305 -0.06 8.79 -10.59
N ALA B 306 0.68 9.57 -9.78
CA ALA B 306 1.83 10.33 -10.29
C ALA B 306 2.97 9.37 -10.64
N ARG B 307 3.14 8.29 -9.83
CA ARG B 307 4.13 7.25 -10.09
C ARG B 307 3.74 6.49 -11.37
N LEU B 308 2.42 6.25 -11.55
CA LEU B 308 1.91 5.59 -12.74
C LEU B 308 2.06 6.47 -13.99
N ALA B 309 1.94 7.82 -13.81
CA ALA B 309 2.13 8.81 -14.88
C ALA B 309 3.58 8.75 -15.38
N GLY B 310 4.52 8.56 -14.46
CA GLY B 310 5.95 8.40 -14.75
C GLY B 310 6.19 7.13 -15.53
N LEU B 311 5.59 5.99 -15.06
CA LEU B 311 5.69 4.68 -15.73
C LEU B 311 5.11 4.74 -17.16
N ALA B 312 3.96 5.43 -17.36
CA ALA B 312 3.28 5.63 -18.65
C ALA B 312 4.02 6.59 -19.63
N SER B 313 5.00 7.38 -19.14
CA SER B 313 5.74 8.34 -19.96
C SER B 313 7.19 7.92 -20.24
N ARG B 314 7.61 6.79 -19.63
CA ARG B 314 8.95 6.18 -19.70
C ARG B 314 9.48 5.99 -21.13
N THR B 315 8.62 5.54 -22.08
CA THR B 315 8.98 5.37 -23.49
C THR B 315 7.97 6.16 -24.32
N GLY B 316 7.92 7.45 -24.03
CA GLY B 316 6.93 8.36 -24.60
C GLY B 316 5.54 8.02 -24.08
N PRO B 317 4.46 8.64 -24.60
CA PRO B 317 3.12 8.28 -24.09
C PRO B 317 2.70 6.85 -24.47
N THR B 318 2.40 6.02 -23.44
CA THR B 318 1.94 4.64 -23.61
C THR B 318 0.74 4.40 -22.68
N ALA B 319 0.03 3.30 -22.92
CA ALA B 319 -1.09 2.87 -22.10
C ALA B 319 -0.53 1.95 -21.01
N ILE B 320 -1.21 1.91 -19.87
CA ILE B 320 -0.86 1.02 -18.77
C ILE B 320 -1.95 -0.04 -18.73
N TYR B 321 -1.56 -1.31 -18.49
CA TYR B 321 -2.49 -2.44 -18.33
C TYR B 321 -2.39 -2.95 -16.90
N TYR B 322 -3.53 -3.04 -16.22
CA TYR B 322 -3.57 -3.53 -14.84
C TYR B 322 -4.24 -4.86 -14.75
N ILE B 323 -3.59 -5.82 -14.06
CA ILE B 323 -4.25 -7.06 -13.70
C ILE B 323 -4.83 -6.75 -12.30
N GLU B 324 -6.10 -7.08 -12.12
CA GLU B 324 -6.75 -6.95 -10.83
C GLU B 324 -7.07 -8.36 -10.36
N GLY B 325 -6.46 -8.75 -9.25
CA GLY B 325 -6.63 -10.08 -8.68
C GLY B 325 -7.17 -10.03 -7.27
N ALA B 326 -7.93 -11.06 -6.90
CA ALA B 326 -8.44 -11.12 -5.53
C ALA B 326 -8.39 -12.54 -5.00
N MET B 327 -7.76 -12.71 -3.84
CA MET B 327 -7.66 -14.02 -3.17
C MET B 327 -8.58 -13.98 -1.93
N TYR B 328 -9.58 -14.87 -1.89
CA TYR B 328 -10.57 -15.03 -0.81
C TYR B 328 -9.96 -15.85 0.35
N TYR B 329 -10.36 -15.54 1.58
CA TYR B 329 -9.91 -16.29 2.76
C TYR B 329 -10.92 -16.21 3.92
N THR B 330 -10.79 -17.16 4.86
CA THR B 330 -11.64 -17.27 6.05
C THR B 330 -10.69 -17.42 7.23
N GLU B 331 -11.24 -17.64 8.44
CA GLU B 331 -10.46 -17.85 9.66
C GLU B 331 -9.58 -19.11 9.56
N ASP B 332 -10.00 -20.13 8.77
CA ASP B 332 -9.27 -21.38 8.55
C ASP B 332 -8.13 -21.27 7.54
N THR B 333 -8.25 -20.38 6.54
CA THR B 333 -7.21 -20.20 5.52
C THR B 333 -6.38 -18.91 5.73
N ALA B 334 -6.75 -18.08 6.72
CA ALA B 334 -6.04 -16.82 7.05
C ALA B 334 -4.53 -16.99 7.27
N ILE B 335 -4.12 -18.12 7.88
CA ILE B 335 -2.72 -18.47 8.17
C ILE B 335 -1.84 -18.52 6.90
N SER B 336 -2.36 -19.16 5.82
CA SER B 336 -1.61 -19.42 4.59
C SER B 336 -1.73 -18.36 3.46
N VAL B 337 -2.60 -17.34 3.62
CA VAL B 337 -2.84 -16.25 2.64
C VAL B 337 -1.58 -15.58 2.15
N ASP B 338 -0.83 -14.98 3.08
CA ASP B 338 0.40 -14.21 2.80
C ASP B 338 1.43 -15.03 2.01
N LYS B 339 1.61 -16.32 2.37
CA LYS B 339 2.52 -17.25 1.66
C LYS B 339 1.96 -17.58 0.28
N LYS B 340 0.62 -17.80 0.17
CA LYS B 340 -0.09 -18.10 -1.08
C LYS B 340 0.08 -16.94 -2.09
N MET B 341 -0.15 -15.69 -1.63
CA MET B 341 -0.01 -14.44 -2.40
C MET B 341 1.44 -14.25 -2.88
N LYS B 342 2.42 -14.49 -2.00
CA LYS B 342 3.83 -14.35 -2.37
C LYS B 342 4.20 -15.36 -3.48
N ALA B 343 3.82 -16.64 -3.30
CA ALA B 343 4.08 -17.73 -4.25
C ALA B 343 3.46 -17.41 -5.62
N LEU B 344 2.23 -16.87 -5.63
CA LEU B 344 1.54 -16.49 -6.86
C LEU B 344 2.18 -15.30 -7.59
N LEU B 345 2.45 -14.20 -6.85
CA LEU B 345 3.02 -12.98 -7.40
C LEU B 345 4.42 -13.20 -7.97
N ASP B 346 5.22 -14.08 -7.32
CA ASP B 346 6.57 -14.45 -7.76
C ASP B 346 6.54 -15.11 -9.15
N GLN B 347 5.39 -15.71 -9.53
CA GLN B 347 5.21 -16.35 -10.84
C GLN B 347 4.90 -15.32 -11.93
N LEU B 348 4.51 -14.09 -11.54
CA LEU B 348 4.09 -13.02 -12.46
C LEU B 348 5.21 -12.04 -12.85
N SER B 349 5.01 -11.29 -13.97
CA SER B 349 6.00 -10.39 -14.53
C SER B 349 5.54 -8.92 -14.68
N PHE B 350 4.73 -8.45 -13.70
CA PHE B 350 4.30 -7.05 -13.62
C PHE B 350 5.55 -6.16 -13.37
N GLU B 351 5.46 -4.87 -13.71
CA GLU B 351 6.52 -3.91 -13.54
C GLU B 351 7.07 -3.89 -12.09
N PRO B 352 8.39 -4.12 -11.88
CA PRO B 352 8.95 -4.06 -10.51
C PRO B 352 8.62 -2.74 -9.80
N GLY B 353 8.12 -2.86 -8.57
CA GLY B 353 7.71 -1.71 -7.76
C GLY B 353 6.29 -1.26 -8.06
N PHE B 354 5.56 -1.99 -8.95
CA PHE B 354 4.21 -1.59 -9.27
C PHE B 354 3.08 -2.60 -8.82
N PRO B 355 3.23 -3.33 -7.67
CA PRO B 355 2.06 -4.05 -7.14
C PRO B 355 1.33 -3.09 -6.16
N PHE B 356 -0.01 -3.13 -6.12
CA PHE B 356 -0.83 -2.30 -5.24
C PHE B 356 -1.75 -3.26 -4.46
N THR B 357 -1.77 -3.16 -3.13
CA THR B 357 -2.48 -4.10 -2.29
C THR B 357 -3.48 -3.49 -1.32
N LYS B 358 -4.66 -4.16 -1.19
CA LYS B 358 -5.70 -3.83 -0.23
C LYS B 358 -6.13 -5.12 0.49
N ASP B 359 -6.59 -5.00 1.73
CA ASP B 359 -7.12 -6.13 2.48
C ASP B 359 -8.45 -5.66 3.08
N VAL B 360 -9.56 -6.20 2.55
CA VAL B 360 -10.90 -5.77 2.90
C VAL B 360 -11.82 -6.96 3.27
N THR B 361 -13.03 -6.68 3.77
CA THR B 361 -14.00 -7.74 4.03
C THR B 361 -14.54 -8.25 2.67
N PHE B 362 -15.17 -9.42 2.67
CA PHE B 362 -15.77 -9.99 1.45
C PHE B 362 -16.82 -9.01 0.85
N VAL B 363 -17.71 -8.45 1.71
CA VAL B 363 -18.75 -7.46 1.32
C VAL B 363 -18.12 -6.20 0.74
N GLN B 364 -17.05 -5.65 1.40
CA GLN B 364 -16.37 -4.45 0.89
C GLN B 364 -15.84 -4.70 -0.53
N PHE B 365 -15.30 -5.91 -0.77
CA PHE B 365 -14.78 -6.26 -2.10
C PHE B 365 -15.88 -6.35 -3.16
N LEU B 366 -16.91 -7.18 -2.92
CA LEU B 366 -18.01 -7.37 -3.87
C LEU B 366 -18.74 -6.07 -4.17
N ASP B 367 -18.88 -5.19 -3.17
CA ASP B 367 -19.57 -3.91 -3.32
C ASP B 367 -18.64 -2.71 -3.55
N ARG B 368 -17.38 -2.97 -3.97
CA ARG B 368 -16.35 -1.96 -4.22
C ARG B 368 -16.81 -0.80 -5.15
N VAL B 369 -17.67 -1.10 -6.16
CA VAL B 369 -18.13 -0.11 -7.13
C VAL B 369 -19.11 0.92 -6.49
N ARG B 370 -19.75 0.60 -5.34
CA ARG B 370 -20.65 1.54 -4.64
C ARG B 370 -19.85 2.83 -4.32
N GLU B 371 -18.60 2.66 -3.83
CA GLU B 371 -17.69 3.76 -3.48
C GLU B 371 -17.36 4.59 -4.74
N GLU B 372 -17.15 3.91 -5.90
CA GLU B 372 -16.85 4.58 -7.18
C GLU B 372 -18.01 5.43 -7.67
N GLU B 373 -19.23 4.90 -7.59
CA GLU B 373 -20.46 5.60 -7.95
C GLU B 373 -20.64 6.86 -7.06
N ARG B 374 -20.43 6.69 -5.75
CA ARG B 374 -20.51 7.79 -4.78
C ARG B 374 -19.58 8.94 -5.17
N VAL B 375 -18.32 8.62 -5.57
CA VAL B 375 -17.35 9.63 -5.99
C VAL B 375 -17.81 10.28 -7.31
N LEU B 376 -18.27 9.46 -8.29
CA LEU B 376 -18.76 9.94 -9.58
C LEU B 376 -19.98 10.86 -9.43
N ARG B 377 -20.94 10.50 -8.56
CA ARG B 377 -22.14 11.28 -8.27
C ARG B 377 -21.81 12.67 -7.67
N SER B 378 -20.87 12.72 -6.71
CA SER B 378 -20.46 13.99 -6.10
C SER B 378 -19.79 14.96 -7.10
N ALA B 379 -19.12 14.40 -8.13
CA ALA B 379 -18.47 15.18 -9.19
C ALA B 379 -19.42 15.49 -10.39
N GLY B 380 -20.69 15.09 -10.28
CA GLY B 380 -21.70 15.21 -11.34
C GLY B 380 -21.28 14.46 -12.60
N ALA B 381 -20.59 13.32 -12.41
CA ALA B 381 -20.01 12.51 -13.48
C ALA B 381 -20.64 11.10 -13.61
N TRP B 382 -21.79 10.89 -12.96
CA TRP B 382 -22.52 9.62 -12.99
C TRP B 382 -23.72 9.69 -13.93
N GLU B 383 -24.63 10.65 -13.67
CA GLU B 383 -25.85 10.83 -14.47
C GLU B 383 -25.56 11.66 -15.73
N VAL B 384 -24.81 11.03 -16.61
CA VAL B 384 -24.31 11.54 -17.88
C VAL B 384 -24.52 10.44 -18.96
N PRO B 385 -24.39 10.75 -20.27
CA PRO B 385 -24.55 9.68 -21.27
C PRO B 385 -23.45 8.60 -21.21
N HIS B 386 -23.85 7.32 -21.45
CA HIS B 386 -22.96 6.17 -21.43
C HIS B 386 -23.02 5.38 -22.77
N PRO B 387 -22.34 5.85 -23.84
CA PRO B 387 -22.36 5.09 -25.10
C PRO B 387 -21.34 3.95 -25.03
N TRP B 388 -21.67 2.96 -24.18
CA TRP B 388 -20.86 1.79 -23.89
C TRP B 388 -20.83 0.73 -24.99
N LEU B 389 -19.68 0.06 -25.11
CA LEU B 389 -19.43 -1.02 -26.06
C LEU B 389 -18.72 -2.18 -25.34
N ASN B 390 -19.21 -3.39 -25.54
CA ASN B 390 -18.67 -4.59 -24.91
C ASN B 390 -18.43 -5.64 -25.96
N LEU B 391 -17.19 -6.16 -26.01
CA LEU B 391 -16.78 -7.14 -27.00
C LEU B 391 -16.15 -8.37 -26.40
N PHE B 392 -16.34 -9.50 -27.08
CA PHE B 392 -15.73 -10.79 -26.80
C PHE B 392 -14.78 -11.04 -27.97
N VAL B 393 -13.48 -11.07 -27.69
CA VAL B 393 -12.39 -11.17 -28.69
C VAL B 393 -11.63 -12.51 -28.56
N PRO B 394 -11.47 -13.32 -29.65
CA PRO B 394 -10.72 -14.58 -29.50
C PRO B 394 -9.28 -14.30 -29.08
N ARG B 395 -8.75 -15.17 -28.19
CA ARG B 395 -7.38 -15.12 -27.66
C ARG B 395 -6.32 -15.01 -28.79
N SER B 396 -6.52 -15.72 -29.92
CA SER B 396 -5.59 -15.71 -31.07
C SER B 396 -5.47 -14.32 -31.74
N ARG B 397 -6.45 -13.41 -31.53
CA ARG B 397 -6.44 -12.08 -32.15
C ARG B 397 -6.31 -10.92 -31.16
N ILE B 398 -6.10 -11.22 -29.86
CA ILE B 398 -6.04 -10.18 -28.81
C ILE B 398 -4.85 -9.19 -29.02
N LEU B 399 -3.70 -9.67 -29.52
CA LEU B 399 -2.56 -8.77 -29.75
C LEU B 399 -2.79 -7.90 -31.00
N ASP B 400 -3.46 -8.44 -32.03
CA ASP B 400 -3.82 -7.68 -33.24
C ASP B 400 -4.88 -6.62 -32.90
N PHE B 401 -5.84 -6.99 -31.99
CA PHE B 401 -6.91 -6.10 -31.53
C PHE B 401 -6.25 -4.93 -30.81
N ASP B 402 -5.38 -5.23 -29.82
CA ASP B 402 -4.65 -4.21 -29.06
C ASP B 402 -3.88 -3.26 -30.00
N ASP B 403 -3.22 -3.81 -31.03
CA ASP B 403 -2.43 -3.02 -31.97
C ASP B 403 -3.27 -1.97 -32.74
N GLY B 404 -4.41 -2.38 -33.27
CA GLY B 404 -5.27 -1.48 -34.03
C GLY B 404 -6.13 -0.54 -33.19
N VAL B 405 -6.50 -1.00 -31.98
CA VAL B 405 -7.39 -0.24 -31.09
C VAL B 405 -6.61 0.67 -30.10
N PHE B 406 -5.84 0.09 -29.17
CA PHE B 406 -5.16 0.89 -28.15
C PHE B 406 -3.90 1.59 -28.65
N LYS B 407 -3.09 0.90 -29.49
CA LYS B 407 -1.83 1.43 -30.02
C LYS B 407 -1.98 2.33 -31.26
N ALA B 408 -3.16 2.31 -31.93
CA ALA B 408 -3.41 3.13 -33.11
C ALA B 408 -4.61 4.06 -32.94
N LEU B 409 -5.83 3.50 -32.95
CA LEU B 409 -7.06 4.26 -32.85
C LEU B 409 -7.16 5.18 -31.62
N LEU B 410 -6.95 4.63 -30.41
CA LEU B 410 -7.09 5.33 -29.14
C LEU B 410 -5.81 5.87 -28.48
N LYS B 411 -4.62 5.68 -29.10
CA LYS B 411 -3.33 6.12 -28.54
C LYS B 411 -3.34 7.55 -27.95
N ASP B 412 -3.98 8.51 -28.65
CA ASP B 412 -4.05 9.92 -28.25
C ASP B 412 -5.43 10.34 -27.73
N ALA B 413 -6.34 9.38 -27.58
CA ALA B 413 -7.70 9.63 -27.09
C ALA B 413 -7.72 9.86 -25.59
N ASN B 414 -8.62 10.73 -25.13
CA ASN B 414 -8.78 11.07 -23.71
C ASN B 414 -10.20 10.75 -23.15
N PRO B 415 -10.80 9.55 -23.33
CA PRO B 415 -12.15 9.36 -22.79
C PRO B 415 -12.17 9.22 -21.27
N ALA B 416 -13.25 9.73 -20.67
CA ALA B 416 -13.55 9.59 -19.26
C ALA B 416 -14.18 8.19 -19.15
N GLY B 417 -14.04 7.56 -18.00
CA GLY B 417 -14.57 6.22 -17.76
C GLY B 417 -13.49 5.18 -17.60
N ILE B 418 -13.81 3.90 -17.87
CA ILE B 418 -12.84 2.82 -17.74
C ILE B 418 -12.90 1.83 -18.89
N ILE B 419 -11.79 1.15 -19.12
CA ILE B 419 -11.70 0.12 -20.14
C ILE B 419 -11.36 -1.19 -19.45
N LEU B 420 -12.26 -2.16 -19.53
CA LEU B 420 -11.97 -3.48 -18.95
C LEU B 420 -11.39 -4.42 -20.01
N MET B 421 -10.55 -5.36 -19.57
CA MET B 421 -9.91 -6.35 -20.41
C MET B 421 -9.45 -7.53 -19.56
N TYR B 422 -10.10 -8.66 -19.73
CA TYR B 422 -9.76 -9.88 -19.02
C TYR B 422 -10.22 -11.11 -19.79
N PRO B 423 -9.47 -12.22 -19.68
CA PRO B 423 -9.88 -13.43 -20.40
C PRO B 423 -10.81 -14.35 -19.60
N MET B 424 -11.51 -15.23 -20.32
CA MET B 424 -12.42 -16.22 -19.76
C MET B 424 -12.26 -17.57 -20.46
N ASN B 425 -12.79 -18.62 -19.84
CA ASN B 425 -12.68 -19.98 -20.37
C ASN B 425 -14.01 -20.41 -20.99
N LYS B 426 -14.00 -20.72 -22.28
CA LYS B 426 -15.18 -21.18 -23.05
C LYS B 426 -15.81 -22.46 -22.49
N ASP B 427 -14.99 -23.41 -21.97
CA ASP B 427 -15.50 -24.67 -21.40
C ASP B 427 -16.38 -24.48 -20.13
N ARG B 428 -16.50 -23.24 -19.60
CA ARG B 428 -17.35 -22.93 -18.46
C ARG B 428 -18.71 -22.34 -18.91
N TRP B 429 -18.84 -22.11 -20.22
CA TRP B 429 -20.05 -21.58 -20.85
C TRP B 429 -20.80 -22.72 -21.56
N ASP B 430 -22.13 -22.70 -21.46
CA ASP B 430 -23.00 -23.69 -22.10
C ASP B 430 -23.53 -23.10 -23.40
N ASP B 431 -23.02 -23.61 -24.53
CA ASP B 431 -23.44 -23.15 -25.86
C ASP B 431 -24.94 -23.44 -26.18
N ARG B 432 -25.63 -24.27 -25.36
CA ARG B 432 -27.07 -24.54 -25.55
C ARG B 432 -27.89 -23.34 -25.04
N MET B 433 -27.28 -22.47 -24.22
CA MET B 433 -27.93 -21.26 -23.75
C MET B 433 -27.85 -20.22 -24.88
N THR B 434 -28.76 -19.23 -24.87
CA THR B 434 -28.81 -18.20 -25.91
C THR B 434 -27.53 -17.37 -26.01
N ALA B 435 -26.90 -17.00 -24.84
CA ALA B 435 -25.67 -16.18 -24.79
C ALA B 435 -24.57 -16.61 -25.77
N MET B 436 -24.09 -15.65 -26.58
CA MET B 436 -23.06 -15.91 -27.58
C MET B 436 -21.64 -15.63 -27.08
N THR B 437 -20.71 -16.57 -27.38
CA THR B 437 -19.26 -16.45 -27.13
C THR B 437 -18.61 -16.48 -28.53
N PRO B 438 -17.34 -16.03 -28.74
CA PRO B 438 -16.78 -16.08 -30.09
C PRO B 438 -16.56 -17.48 -30.64
N ALA B 439 -16.65 -17.61 -31.97
CA ALA B 439 -16.47 -18.88 -32.66
C ALA B 439 -15.00 -19.14 -32.93
N ASP B 441 -11.71 -19.35 -33.19
CA ASP B 441 -10.90 -20.51 -32.85
C ASP B 441 -11.62 -21.44 -31.85
N ASP B 442 -12.09 -22.61 -32.35
CA ASP B 442 -12.79 -23.65 -31.58
C ASP B 442 -11.78 -24.52 -30.79
N ASP B 443 -10.53 -24.60 -31.30
CA ASP B 443 -9.45 -25.36 -30.69
C ASP B 443 -8.88 -24.61 -29.48
N ASP B 444 -9.19 -23.30 -29.38
CA ASP B 444 -8.77 -22.37 -28.33
C ASP B 444 -9.92 -22.09 -27.36
N ASN B 445 -9.76 -22.52 -26.11
CA ASN B 445 -10.74 -22.37 -25.03
C ASN B 445 -10.82 -20.92 -24.49
N VAL B 446 -9.82 -20.06 -24.79
CA VAL B 446 -9.79 -18.71 -24.20
C VAL B 446 -10.27 -17.60 -25.13
N PHE B 447 -11.02 -16.63 -24.58
CA PHE B 447 -11.44 -15.41 -25.26
C PHE B 447 -11.35 -14.24 -24.23
N TYR B 448 -11.34 -13.00 -24.69
CA TYR B 448 -11.23 -11.83 -23.82
C TYR B 448 -12.51 -11.03 -23.85
N ALA B 449 -12.86 -10.47 -22.70
CA ALA B 449 -13.95 -9.53 -22.58
C ALA B 449 -13.25 -8.16 -22.59
N VAL B 450 -13.64 -7.29 -23.53
CA VAL B 450 -13.11 -5.93 -23.65
C VAL B 450 -14.32 -4.99 -23.55
N SER B 451 -14.35 -4.16 -22.51
CA SER B 451 -15.46 -3.26 -22.26
C SER B 451 -15.03 -1.81 -22.30
N PHE B 452 -15.62 -1.06 -23.21
CA PHE B 452 -15.36 0.37 -23.35
C PHE B 452 -16.47 1.08 -22.58
N LEU B 453 -16.20 1.32 -21.29
CA LEU B 453 -17.17 1.94 -20.38
C LEU B 453 -16.92 3.43 -20.29
N TRP B 454 -17.01 4.14 -21.43
CA TRP B 454 -16.75 5.59 -21.45
C TRP B 454 -18.00 6.45 -21.19
N SER B 455 -17.80 7.55 -20.44
CA SER B 455 -18.79 8.54 -20.02
C SER B 455 -18.56 9.84 -20.74
N ALA B 456 -19.64 10.47 -21.21
CA ALA B 456 -19.56 11.75 -21.87
C ALA B 456 -19.82 12.78 -20.77
N LEU B 457 -18.75 13.38 -20.21
CA LEU B 457 -18.85 14.38 -19.12
C LEU B 457 -19.62 15.62 -19.56
N SER B 458 -19.61 15.86 -20.86
CA SER B 458 -20.38 16.89 -21.54
C SER B 458 -21.18 16.14 -22.59
N ALA B 459 -22.48 16.43 -22.72
CA ALA B 459 -23.38 15.77 -23.69
C ALA B 459 -22.88 15.84 -25.15
N ASP B 460 -22.10 16.88 -25.49
CA ASP B 460 -21.55 17.07 -26.84
C ASP B 460 -20.30 16.19 -27.12
N ASP B 461 -19.89 15.34 -26.14
CA ASP B 461 -18.79 14.39 -26.27
C ASP B 461 -19.31 13.06 -26.83
N VAL B 462 -20.64 12.84 -26.77
CA VAL B 462 -21.28 11.60 -27.25
C VAL B 462 -20.87 11.26 -28.72
N PRO B 463 -20.92 12.19 -29.72
CA PRO B 463 -20.54 11.82 -31.10
C PRO B 463 -19.13 11.27 -31.26
N GLN B 464 -18.12 11.86 -30.56
CA GLN B 464 -16.74 11.37 -30.60
C GLN B 464 -16.64 9.93 -30.03
N LEU B 465 -17.36 9.67 -28.91
CA LEU B 465 -17.42 8.34 -28.28
C LEU B 465 -18.08 7.31 -29.22
N GLU B 466 -19.19 7.70 -29.88
CA GLU B 466 -19.90 6.86 -30.82
C GLU B 466 -19.05 6.58 -32.08
N ARG B 467 -18.23 7.57 -32.54
CA ARG B 467 -17.31 7.44 -33.67
C ARG B 467 -16.21 6.42 -33.33
N TRP B 468 -15.73 6.44 -32.07
CA TRP B 468 -14.76 5.49 -31.53
C TRP B 468 -15.33 4.07 -31.47
N ASN B 469 -16.59 3.91 -31.01
CA ASN B 469 -17.32 2.64 -30.98
C ASN B 469 -17.43 2.04 -32.38
N LYS B 470 -17.82 2.88 -33.39
CA LYS B 470 -17.96 2.47 -34.79
C LYS B 470 -16.59 2.09 -35.38
N ALA B 471 -15.53 2.87 -35.04
CA ALA B 471 -14.17 2.62 -35.52
C ALA B 471 -13.63 1.27 -35.02
N VAL B 472 -13.97 0.88 -33.77
CA VAL B 472 -13.57 -0.40 -33.16
C VAL B 472 -14.23 -1.55 -33.96
N LEU B 473 -15.56 -1.47 -34.15
CA LEU B 473 -16.34 -2.45 -34.94
C LEU B 473 -15.88 -2.53 -36.40
N ASP B 474 -15.60 -1.37 -37.06
CA ASP B 474 -15.11 -1.31 -38.43
C ASP B 474 -13.72 -1.97 -38.54
N PHE B 475 -12.86 -1.76 -37.50
CA PHE B 475 -11.52 -2.35 -37.43
C PHE B 475 -11.61 -3.89 -37.35
N CYS B 476 -12.51 -4.42 -36.48
CA CYS B 476 -12.76 -5.87 -36.31
C CYS B 476 -13.15 -6.48 -37.67
N ASP B 477 -14.14 -5.86 -38.39
CA ASP B 477 -14.56 -6.32 -39.71
C ASP B 477 -13.42 -6.33 -40.71
N ARG B 478 -12.70 -5.21 -40.84
CA ARG B 478 -11.59 -5.00 -41.75
C ARG B 478 -10.42 -5.97 -41.50
N SER B 479 -10.14 -6.27 -40.23
CA SER B 479 -9.02 -7.11 -39.80
C SER B 479 -9.36 -8.60 -39.65
N GLY B 480 -10.63 -8.96 -39.81
CA GLY B 480 -11.10 -10.33 -39.68
C GLY B 480 -11.06 -10.84 -38.25
N ILE B 481 -11.08 -9.91 -37.29
CA ILE B 481 -11.10 -10.23 -35.87
C ILE B 481 -12.57 -10.46 -35.61
N GLU B 482 -12.95 -11.72 -35.40
CA GLU B 482 -14.34 -12.13 -35.16
C GLU B 482 -14.82 -11.69 -33.77
N CYS B 483 -15.09 -10.36 -33.65
CA CYS B 483 -15.57 -9.57 -32.50
C CYS B 483 -17.06 -9.84 -32.19
N LYS B 484 -17.35 -10.69 -31.18
CA LYS B 484 -18.73 -11.00 -30.79
C LYS B 484 -19.18 -10.01 -29.69
N GLN B 485 -20.24 -9.21 -29.92
CA GLN B 485 -20.69 -8.27 -28.88
C GLN B 485 -21.29 -8.99 -27.68
N TYR B 486 -21.01 -8.45 -26.49
CA TYR B 486 -21.62 -8.86 -25.22
C TYR B 486 -22.54 -7.69 -24.92
N LEU B 487 -23.75 -7.94 -24.35
CA LEU B 487 -24.79 -6.91 -24.14
C LEU B 487 -25.06 -6.25 -25.54
N PRO B 488 -25.32 -7.09 -26.58
CA PRO B 488 -25.39 -6.56 -27.95
C PRO B 488 -26.56 -5.66 -28.27
N HIS B 489 -26.36 -4.83 -29.28
CA HIS B 489 -27.43 -4.02 -29.79
C HIS B 489 -27.26 -3.83 -31.28
N TYR B 490 -28.31 -4.15 -32.01
CA TYR B 490 -28.40 -4.02 -33.46
C TYR B 490 -29.77 -3.44 -33.75
N THR B 491 -29.85 -2.57 -34.75
CA THR B 491 -31.11 -1.91 -35.12
C THR B 491 -31.89 -2.72 -36.16
N SER B 492 -31.21 -3.65 -36.88
CA SER B 492 -31.82 -4.49 -37.90
C SER B 492 -31.64 -5.97 -37.56
N GLN B 493 -32.53 -6.82 -38.10
CA GLN B 493 -32.46 -8.28 -37.91
C GLN B 493 -31.19 -8.90 -38.55
N ASP B 494 -30.63 -8.26 -39.61
CA ASP B 494 -29.40 -8.71 -40.28
C ASP B 494 -28.19 -8.76 -39.30
N GLY B 495 -28.07 -7.74 -38.45
CA GLY B 495 -27.02 -7.65 -37.43
C GLY B 495 -27.15 -8.75 -36.40
N TRP B 496 -28.39 -9.01 -35.94
CA TRP B 496 -28.75 -10.06 -34.98
C TRP B 496 -28.47 -11.48 -35.52
N ARG B 497 -28.79 -11.72 -36.82
CA ARG B 497 -28.55 -12.99 -37.52
C ARG B 497 -27.04 -13.27 -37.53
N ARG B 498 -26.23 -12.24 -37.79
CA ARG B 498 -24.77 -12.36 -37.76
C ARG B 498 -24.28 -12.65 -36.31
N HIS B 499 -24.91 -12.03 -35.32
CA HIS B 499 -24.56 -12.19 -33.90
C HIS B 499 -24.84 -13.64 -33.44
N PHE B 500 -26.02 -14.18 -33.77
CA PHE B 500 -26.41 -15.51 -33.31
C PHE B 500 -25.78 -16.64 -34.14
N GLY B 501 -25.32 -16.32 -35.36
CA GLY B 501 -24.64 -17.25 -36.27
C GLY B 501 -25.38 -18.56 -36.49
N ALA B 502 -24.71 -19.69 -36.16
CA ALA B 502 -25.25 -21.05 -36.31
C ALA B 502 -26.41 -21.33 -35.35
N LYS B 503 -26.61 -20.45 -34.33
CA LYS B 503 -27.68 -20.56 -33.35
C LYS B 503 -28.97 -19.84 -33.81
N TRP B 504 -28.90 -18.99 -34.87
CA TRP B 504 -30.05 -18.18 -35.31
C TRP B 504 -31.36 -18.97 -35.56
N SER B 505 -31.32 -20.10 -36.30
CA SER B 505 -32.54 -20.89 -36.59
C SER B 505 -33.17 -21.44 -35.32
N ARG B 506 -32.35 -21.90 -34.36
CA ARG B 506 -32.84 -22.39 -33.08
C ARG B 506 -33.53 -21.24 -32.28
N ILE B 507 -32.94 -20.03 -32.31
CA ILE B 507 -33.48 -18.83 -31.62
C ILE B 507 -34.86 -18.41 -32.21
N ALA B 508 -34.95 -18.35 -33.56
CA ALA B 508 -36.17 -17.97 -34.28
C ALA B 508 -37.31 -18.96 -33.97
N GLU B 509 -36.98 -20.27 -33.93
CA GLU B 509 -37.91 -21.37 -33.64
C GLU B 509 -38.43 -21.24 -32.19
N LEU B 510 -37.50 -20.97 -31.24
CA LEU B 510 -37.84 -20.79 -29.82
C LEU B 510 -38.69 -19.54 -29.62
N LYS B 511 -38.42 -18.48 -30.43
CA LYS B 511 -39.20 -17.24 -30.40
C LYS B 511 -40.63 -17.50 -30.86
N ALA B 512 -40.81 -18.23 -31.98
CA ALA B 512 -42.15 -18.60 -32.48
C ALA B 512 -42.91 -19.41 -31.42
N ARG B 513 -42.21 -20.27 -30.67
CA ARG B 513 -42.81 -21.10 -29.62
C ARG B 513 -43.21 -20.31 -28.36
N TYR B 514 -42.31 -19.48 -27.83
CA TYR B 514 -42.55 -18.82 -26.55
C TYR B 514 -43.02 -17.35 -26.60
N ASP B 515 -42.90 -16.67 -27.74
CA ASP B 515 -43.40 -15.29 -27.91
C ASP B 515 -43.83 -15.13 -29.38
N PRO B 516 -44.87 -15.89 -29.84
CA PRO B 516 -45.29 -15.82 -31.25
C PRO B 516 -45.70 -14.45 -31.77
N ARG B 517 -46.30 -13.61 -30.91
CA ARG B 517 -46.73 -12.27 -31.32
C ARG B 517 -45.62 -11.20 -31.12
N ALA B 518 -44.39 -11.62 -30.73
CA ALA B 518 -43.21 -10.78 -30.52
C ALA B 518 -43.51 -9.54 -29.67
N LEU B 519 -44.19 -9.78 -28.54
CA LEU B 519 -44.57 -8.74 -27.59
C LEU B 519 -43.44 -8.32 -26.69
N LEU B 520 -42.59 -9.26 -26.25
CA LEU B 520 -41.60 -9.02 -25.20
C LEU B 520 -40.29 -8.36 -25.60
N SER B 521 -39.86 -7.41 -24.72
CA SER B 521 -38.63 -6.63 -24.79
C SER B 521 -38.33 -6.17 -26.23
N PRO B 522 -39.27 -5.43 -26.87
CA PRO B 522 -39.07 -5.02 -28.28
C PRO B 522 -37.90 -4.04 -28.49
N GLY B 523 -37.42 -3.45 -27.40
CA GLY B 523 -36.28 -2.53 -27.37
C GLY B 523 -35.00 -3.21 -27.83
N GLN B 524 -34.95 -4.55 -27.71
CA GLN B 524 -33.86 -5.40 -28.17
C GLN B 524 -33.76 -5.37 -29.70
N ARG B 525 -34.91 -5.10 -30.42
CA ARG B 525 -35.00 -4.93 -31.88
C ARG B 525 -34.55 -6.17 -32.69
N ILE B 526 -34.77 -7.37 -32.14
CA ILE B 526 -34.42 -8.63 -32.77
C ILE B 526 -35.57 -9.11 -33.69
N PHE B 527 -36.82 -9.04 -33.19
CA PHE B 527 -38.01 -9.49 -33.94
C PHE B 527 -39.01 -8.35 -34.10
N PRO B 528 -38.83 -7.47 -35.11
CA PRO B 528 -39.76 -6.34 -35.29
C PRO B 528 -41.01 -6.74 -36.08
#